data_6HB6
#
_entry.id   6HB6
#
_cell.length_a   81.705
_cell.length_b   66.316
_cell.length_c   91.246
_cell.angle_alpha   90.000
_cell.angle_beta   101.440
_cell.angle_gamma   90.000
#
_symmetry.space_group_name_H-M   'P 1 21 1'
#
loop_
_entity.id
_entity.type
_entity.pdbx_description
1 polymer 'Tyrosine--tRNA ligase'
2 non-polymer '[(2~{R},3~{S},4~{R},5~{R})-5-[2,4-bis(oxidanylidene)pyrimidin-1-yl]-3,4-bis(oxidanyl)oxolan-2-yl]methyl ~{N}-[(2~{S})-2-azanyl-3-(4-hydroxyphenyl)propanoyl]sulfamate'
3 non-polymer 1,2-ETHANEDIOL
4 non-polymer 'CHLORIDE ION'
5 water water
#
_entity_poly.entity_id   1
_entity_poly.type   'polypeptide(L)'
_entity_poly.pdbx_seq_one_letter_code
;MASSNLIKQLQERGLVAQVTDEEALAERLAQGPIALYCGFDPTADSLHLGHLVPLLCLKRFQQAGHKPVALVGGATGLIG
DPSFKAAERKLNTEETVQEWVDKIRKQVAPFLDFDCGENSAIAANNYDWFGNMNVLTFLRDIGKHFSVNQMINKEAVKQR
LNREDQGISFTEFSYNLLQGYDFACLNKQYGVVLQIGGSDQWGNITSGIDLTRRLHQNQVFGLTVPLITKADGTKFGKTE
GGAVWLDPKKTSPYKFYQFWINTADADVYRFLKFFTFMSIEEINALEEEDKNSGKAPRAQYVLAEQVTRLVHGEEGLQAA
KRITECLFSGSLSALSEADFEQLAQDGVPMVEMEKGADLMQALVDSELQPSRGQARKTIASNAITINGEKQSDPEYFFKE
EERLFGRFTLLRRGKKNYCLICWK
;
_entity_poly.pdbx_strand_id   A,B
#
# COMPACT_ATOMS: atom_id res chain seq x y z
N ASN A 5 -36.09 -3.64 -21.12
CA ASN A 5 -35.08 -3.26 -20.13
C ASN A 5 -34.04 -4.37 -19.99
N LEU A 6 -32.79 -4.09 -20.42
CA LEU A 6 -31.65 -5.01 -20.44
C LEU A 6 -31.32 -5.64 -19.08
N ILE A 7 -31.40 -4.85 -17.98
CA ILE A 7 -31.12 -5.38 -16.63
C ILE A 7 -32.16 -6.41 -16.28
N LYS A 8 -33.45 -6.12 -16.58
CA LYS A 8 -34.56 -7.04 -16.35
C LYS A 8 -34.36 -8.32 -17.16
N GLN A 9 -33.89 -8.18 -18.42
CA GLN A 9 -33.63 -9.30 -19.33
C GLN A 9 -32.49 -10.18 -18.78
N LEU A 10 -31.44 -9.57 -18.18
CA LEU A 10 -30.33 -10.32 -17.61
C LEU A 10 -30.75 -11.03 -16.32
N GLN A 11 -31.58 -10.37 -15.48
CA GLN A 11 -32.14 -10.94 -14.25
C GLN A 11 -32.99 -12.19 -14.54
N GLU A 12 -33.73 -12.19 -15.66
CA GLU A 12 -34.56 -13.31 -16.11
C GLU A 12 -33.72 -14.53 -16.49
N ARG A 13 -32.44 -14.31 -16.92
CA ARG A 13 -31.51 -15.38 -17.27
C ARG A 13 -30.74 -15.82 -16.01
N GLY A 14 -30.96 -15.11 -14.90
CA GLY A 14 -30.28 -15.33 -13.63
C GLY A 14 -28.85 -14.85 -13.65
N LEU A 15 -28.56 -13.88 -14.54
CA LEU A 15 -27.22 -13.33 -14.75
C LEU A 15 -26.87 -12.12 -13.90
N VAL A 16 -27.77 -11.71 -12.99
CA VAL A 16 -27.47 -10.55 -12.13
C VAL A 16 -27.34 -10.97 -10.66
N ALA A 17 -26.10 -10.94 -10.13
CA ALA A 17 -25.84 -11.25 -8.73
C ALA A 17 -26.16 -9.98 -7.90
N GLN A 18 -25.53 -8.85 -8.26
CA GLN A 18 -25.72 -7.55 -7.61
C GLN A 18 -25.58 -6.42 -8.65
N VAL A 19 -26.18 -5.28 -8.35
CA VAL A 19 -26.14 -4.10 -9.23
C VAL A 19 -26.24 -2.85 -8.36
N THR A 20 -25.42 -1.85 -8.65
CA THR A 20 -25.48 -0.60 -7.88
C THR A 20 -26.54 0.34 -8.47
N ASP A 21 -27.25 1.08 -7.59
CA ASP A 21 -28.24 2.13 -7.95
C ASP A 21 -28.96 1.75 -9.26
N GLU A 22 -29.56 0.52 -9.24
CA GLU A 22 -30.27 -0.20 -10.28
C GLU A 22 -31.27 0.63 -11.12
N GLU A 23 -32.12 1.47 -10.47
CA GLU A 23 -33.11 2.31 -11.17
C GLU A 23 -32.41 3.27 -12.10
N ALA A 24 -31.34 3.91 -11.61
CA ALA A 24 -30.57 4.88 -12.36
C ALA A 24 -29.83 4.21 -13.52
N LEU A 25 -29.21 3.02 -13.28
CA LEU A 25 -28.53 2.31 -14.36
C LEU A 25 -29.50 1.92 -15.46
N ALA A 26 -30.69 1.38 -15.09
CA ALA A 26 -31.73 0.98 -16.05
C ALA A 26 -32.15 2.18 -16.90
N GLU A 27 -32.23 3.36 -16.25
CA GLU A 27 -32.60 4.62 -16.89
C GLU A 27 -31.52 5.08 -17.85
N ARG A 28 -30.22 4.98 -17.44
CA ARG A 28 -29.10 5.36 -18.29
C ARG A 28 -29.04 4.46 -19.54
N LEU A 29 -29.19 3.12 -19.36
CA LEU A 29 -29.20 2.15 -20.47
C LEU A 29 -30.34 2.42 -21.47
N ALA A 30 -31.53 2.73 -20.95
CA ALA A 30 -32.74 3.03 -21.76
C ALA A 30 -32.61 4.29 -22.61
N GLN A 31 -31.86 5.32 -22.17
CA GLN A 31 -31.77 6.56 -22.97
C GLN A 31 -30.80 6.47 -24.17
N GLY A 32 -29.90 5.50 -24.17
CA GLY A 32 -28.96 5.32 -25.28
C GLY A 32 -27.71 4.54 -24.95
N PRO A 33 -26.85 4.27 -25.97
CA PRO A 33 -25.62 3.49 -25.72
C PRO A 33 -24.67 4.05 -24.67
N ILE A 34 -24.13 3.15 -23.84
CA ILE A 34 -23.15 3.44 -22.81
C ILE A 34 -21.90 2.64 -23.18
N ALA A 35 -20.76 3.02 -22.60
CA ALA A 35 -19.53 2.23 -22.72
C ALA A 35 -19.42 1.52 -21.37
N LEU A 36 -19.08 0.23 -21.41
CA LEU A 36 -18.91 -0.57 -20.20
C LEU A 36 -17.61 -1.33 -20.30
N TYR A 37 -17.19 -1.96 -19.17
CA TYR A 37 -15.99 -2.78 -19.26
C TYR A 37 -16.01 -3.96 -18.33
N CYS A 38 -15.19 -4.94 -18.68
CA CYS A 38 -14.87 -6.06 -17.85
C CYS A 38 -13.38 -6.34 -18.03
N GLY A 39 -12.69 -6.63 -16.93
CA GLY A 39 -11.27 -6.95 -16.98
C GLY A 39 -10.98 -8.42 -16.76
N PHE A 40 -9.91 -8.89 -17.39
CA PHE A 40 -9.44 -10.27 -17.31
C PHE A 40 -7.95 -10.23 -17.00
N ASP A 41 -7.53 -10.86 -15.89
CA ASP A 41 -6.11 -10.87 -15.54
C ASP A 41 -5.39 -12.05 -16.15
N PRO A 42 -4.13 -11.85 -16.59
CA PRO A 42 -3.35 -12.99 -17.13
C PRO A 42 -2.65 -13.81 -16.05
N THR A 43 -3.28 -14.92 -15.62
CA THR A 43 -2.70 -15.87 -14.63
C THR A 43 -2.38 -17.21 -15.29
N ALA A 44 -2.69 -17.35 -16.59
CA ALA A 44 -2.41 -18.52 -17.41
C ALA A 44 -2.37 -18.10 -18.89
N ASP A 45 -1.94 -19.01 -19.77
CA ASP A 45 -1.87 -18.79 -21.23
C ASP A 45 -3.24 -18.88 -21.93
N SER A 46 -4.32 -19.12 -21.16
CA SER A 46 -5.68 -19.25 -21.68
C SER A 46 -6.70 -18.90 -20.62
N LEU A 47 -7.88 -18.45 -21.07
CA LEU A 47 -9.04 -18.28 -20.23
C LEU A 47 -9.66 -19.68 -20.12
N HIS A 48 -10.63 -19.84 -19.23
CA HIS A 48 -11.32 -21.11 -19.07
C HIS A 48 -12.81 -20.81 -19.03
N LEU A 49 -13.65 -21.84 -18.82
CA LEU A 49 -15.11 -21.66 -18.78
C LEU A 49 -15.62 -20.64 -17.78
N GLY A 50 -14.96 -20.49 -16.63
CA GLY A 50 -15.31 -19.50 -15.61
C GLY A 50 -15.32 -18.06 -16.12
N HIS A 51 -14.41 -17.76 -17.04
CA HIS A 51 -14.29 -16.44 -17.66
C HIS A 51 -15.34 -16.20 -18.74
N LEU A 52 -15.95 -17.29 -19.28
CA LEU A 52 -16.92 -17.17 -20.36
C LEU A 52 -18.18 -16.39 -20.00
N VAL A 53 -18.75 -16.59 -18.80
CA VAL A 53 -19.99 -15.89 -18.39
C VAL A 53 -19.83 -14.33 -18.46
N PRO A 54 -18.81 -13.66 -17.85
CA PRO A 54 -18.74 -12.18 -18.03
C PRO A 54 -18.34 -11.79 -19.45
N LEU A 55 -17.53 -12.63 -20.13
CA LEU A 55 -17.13 -12.35 -21.51
C LEU A 55 -18.36 -12.30 -22.44
N LEU A 56 -19.26 -13.31 -22.34
CA LEU A 56 -20.48 -13.32 -23.14
C LEU A 56 -21.41 -12.19 -22.68
N CYS A 57 -21.31 -11.78 -21.40
CA CYS A 57 -22.12 -10.66 -20.91
C CYS A 57 -21.73 -9.36 -21.60
N LEU A 58 -20.42 -9.17 -21.95
CA LEU A 58 -19.98 -7.96 -22.69
C LEU A 58 -20.64 -7.97 -24.06
N LYS A 59 -20.70 -9.16 -24.70
CA LYS A 59 -21.34 -9.33 -26.00
C LYS A 59 -22.84 -9.08 -25.87
N ARG A 60 -23.49 -9.54 -24.78
CA ARG A 60 -24.94 -9.30 -24.57
C ARG A 60 -25.20 -7.79 -24.49
N PHE A 61 -24.29 -7.01 -23.87
CA PHE A 61 -24.49 -5.55 -23.84
C PHE A 61 -24.28 -4.95 -25.22
N GLN A 62 -23.28 -5.45 -25.98
CA GLN A 62 -22.97 -4.97 -27.32
C GLN A 62 -24.11 -5.18 -28.31
N GLN A 63 -24.80 -6.35 -28.24
CA GLN A 63 -25.96 -6.67 -29.09
C GLN A 63 -27.09 -5.69 -28.80
N ALA A 64 -27.12 -5.17 -27.56
CA ALA A 64 -28.10 -4.19 -27.13
C ALA A 64 -27.68 -2.75 -27.53
N GLY A 65 -26.56 -2.62 -28.27
CA GLY A 65 -26.03 -1.36 -28.76
C GLY A 65 -25.01 -0.65 -27.89
N HIS A 66 -24.57 -1.27 -26.79
CA HIS A 66 -23.57 -0.62 -25.92
C HIS A 66 -22.15 -0.93 -26.41
N LYS A 67 -21.16 -0.12 -25.99
CA LYS A 67 -19.76 -0.22 -26.42
C LYS A 67 -18.91 -1.00 -25.38
N PRO A 68 -18.54 -2.28 -25.65
CA PRO A 68 -17.76 -3.03 -24.67
C PRO A 68 -16.26 -2.75 -24.71
N VAL A 69 -15.65 -2.64 -23.52
CA VAL A 69 -14.21 -2.48 -23.41
C VAL A 69 -13.70 -3.73 -22.73
N ALA A 70 -12.86 -4.51 -23.43
CA ALA A 70 -12.29 -5.73 -22.90
C ALA A 70 -10.90 -5.42 -22.40
N LEU A 71 -10.76 -5.33 -21.09
CA LEU A 71 -9.45 -5.01 -20.51
C LEU A 71 -8.68 -6.25 -20.13
N VAL A 72 -7.40 -6.28 -20.51
CA VAL A 72 -6.52 -7.37 -20.10
C VAL A 72 -5.51 -6.73 -19.12
N GLY A 73 -5.39 -7.32 -17.92
CA GLY A 73 -4.56 -6.77 -16.86
C GLY A 73 -3.07 -6.99 -16.97
N GLY A 74 -2.42 -6.31 -17.91
CA GLY A 74 -0.97 -6.38 -18.02
C GLY A 74 -0.27 -5.87 -16.76
N ALA A 75 -0.88 -4.87 -16.05
CA ALA A 75 -0.25 -4.36 -14.80
C ALA A 75 -0.76 -5.17 -13.61
N THR A 76 -2.09 -5.40 -13.54
CA THR A 76 -2.70 -6.15 -12.43
C THR A 76 -2.23 -7.61 -12.35
N GLY A 77 -1.86 -8.20 -13.50
CA GLY A 77 -1.30 -9.56 -13.58
C GLY A 77 0.11 -9.63 -13.02
N LEU A 78 0.75 -8.46 -12.87
CA LEU A 78 2.08 -8.37 -12.26
C LEU A 78 1.95 -8.18 -10.74
N ILE A 79 0.70 -8.06 -10.23
CA ILE A 79 0.42 -7.82 -8.82
C ILE A 79 -0.31 -9.00 -8.17
N GLY A 80 -1.37 -9.47 -8.84
CA GLY A 80 -2.12 -10.63 -8.38
C GLY A 80 -3.35 -10.28 -7.56
N ASP A 81 -4.56 -10.64 -8.07
CA ASP A 81 -5.82 -10.38 -7.35
C ASP A 81 -6.03 -11.38 -6.21
N PRO A 82 -6.09 -10.95 -4.92
CA PRO A 82 -6.30 -11.91 -3.83
C PRO A 82 -7.77 -12.25 -3.55
N SER A 83 -8.73 -11.58 -4.24
CA SER A 83 -10.17 -11.67 -3.98
C SER A 83 -10.67 -13.09 -3.84
N PHE A 84 -11.16 -13.43 -2.62
CA PHE A 84 -11.68 -14.76 -2.24
C PHE A 84 -10.68 -15.90 -2.53
N LYS A 85 -9.38 -15.58 -2.54
CA LYS A 85 -8.32 -16.57 -2.76
C LYS A 85 -7.75 -16.93 -1.39
N ALA A 86 -7.67 -18.24 -1.07
CA ALA A 86 -7.21 -18.69 0.23
C ALA A 86 -5.72 -18.43 0.47
N ALA A 87 -4.92 -18.41 -0.59
CA ALA A 87 -3.48 -18.23 -0.41
C ALA A 87 -2.86 -17.19 -1.34
N GLU A 88 -1.75 -16.61 -0.86
CA GLU A 88 -0.91 -15.68 -1.59
C GLU A 88 -0.37 -16.43 -2.85
N ARG A 89 -0.32 -15.75 -3.99
CA ARG A 89 0.21 -16.36 -5.21
C ARG A 89 1.65 -15.87 -5.40
N LYS A 90 2.51 -16.68 -6.04
CA LYS A 90 3.88 -16.22 -6.33
C LYS A 90 3.83 -15.17 -7.48
N LEU A 91 4.80 -14.25 -7.53
CA LEU A 91 4.81 -13.24 -8.58
C LEU A 91 5.22 -13.91 -9.91
N ASN A 92 4.59 -13.52 -11.03
CA ASN A 92 5.02 -14.04 -12.33
C ASN A 92 5.97 -13.02 -12.93
N THR A 93 6.86 -13.47 -13.82
CA THR A 93 7.83 -12.55 -14.43
C THR A 93 7.15 -11.61 -15.42
N GLU A 94 7.77 -10.47 -15.74
CA GLU A 94 7.23 -9.56 -16.74
C GLU A 94 7.14 -10.23 -18.11
N GLU A 95 8.11 -11.10 -18.44
CA GLU A 95 8.16 -11.81 -19.73
C GLU A 95 7.02 -12.80 -19.87
N THR A 96 6.76 -13.60 -18.82
CA THR A 96 5.66 -14.58 -18.78
C THR A 96 4.30 -13.86 -18.88
N VAL A 97 4.08 -12.81 -18.04
CA VAL A 97 2.83 -12.05 -18.06
C VAL A 97 2.55 -11.44 -19.44
N GLN A 98 3.59 -10.88 -20.10
CA GLN A 98 3.42 -10.34 -21.46
C GLN A 98 2.99 -11.41 -22.48
N GLU A 99 3.55 -12.65 -22.38
CA GLU A 99 3.17 -13.74 -23.28
C GLU A 99 1.69 -14.08 -23.06
N TRP A 100 1.27 -14.17 -21.79
CA TRP A 100 -0.12 -14.47 -21.44
C TRP A 100 -1.09 -13.35 -21.87
N VAL A 101 -0.67 -12.08 -21.74
CA VAL A 101 -1.49 -10.91 -22.15
C VAL A 101 -1.88 -11.04 -23.62
N ASP A 102 -0.88 -11.29 -24.51
CA ASP A 102 -1.09 -11.42 -25.94
C ASP A 102 -1.97 -12.61 -26.31
N LYS A 103 -1.81 -13.75 -25.61
CA LYS A 103 -2.65 -14.95 -25.83
C LYS A 103 -4.12 -14.70 -25.41
N ILE A 104 -4.32 -14.10 -24.23
CA ILE A 104 -5.64 -13.78 -23.71
C ILE A 104 -6.35 -12.72 -24.57
N ARG A 105 -5.66 -11.62 -24.95
CA ARG A 105 -6.26 -10.59 -25.80
C ARG A 105 -6.78 -11.23 -27.12
N LYS A 106 -5.95 -12.10 -27.75
CA LYS A 106 -6.31 -12.81 -28.99
C LYS A 106 -7.46 -13.80 -28.79
N GLN A 107 -7.59 -14.41 -27.62
CA GLN A 107 -8.69 -15.34 -27.33
C GLN A 107 -10.02 -14.58 -27.12
N VAL A 108 -9.95 -13.42 -26.45
CA VAL A 108 -11.13 -12.58 -26.20
C VAL A 108 -11.67 -11.95 -27.50
N ALA A 109 -10.78 -11.38 -28.33
CA ALA A 109 -11.15 -10.64 -29.56
C ALA A 109 -12.28 -11.27 -30.41
N PRO A 110 -12.30 -12.59 -30.77
CA PRO A 110 -13.42 -13.10 -31.59
C PRO A 110 -14.81 -13.08 -30.93
N PHE A 111 -14.89 -12.87 -29.60
CA PHE A 111 -16.17 -12.83 -28.90
C PHE A 111 -16.91 -11.49 -29.03
N LEU A 112 -16.22 -10.45 -29.52
CA LEU A 112 -16.78 -9.11 -29.62
C LEU A 112 -16.54 -8.54 -31.01
N ASP A 113 -17.35 -7.54 -31.39
CA ASP A 113 -17.29 -6.85 -32.67
C ASP A 113 -16.47 -5.56 -32.57
N PHE A 114 -15.30 -5.55 -33.23
CA PHE A 114 -14.36 -4.43 -33.24
C PHE A 114 -14.57 -3.53 -34.48
N ASP A 115 -15.61 -3.81 -35.26
CA ASP A 115 -15.92 -3.08 -36.50
C ASP A 115 -17.43 -2.97 -36.75
N CYS A 116 -18.14 -2.24 -35.87
CA CYS A 116 -19.59 -2.05 -35.99
C CYS A 116 -20.03 -0.60 -35.68
N GLY A 117 -19.20 0.35 -36.09
CA GLY A 117 -19.47 1.77 -35.92
C GLY A 117 -19.10 2.33 -34.56
N GLU A 118 -20.00 3.16 -34.01
CA GLU A 118 -19.87 3.86 -32.73
C GLU A 118 -19.59 2.94 -31.53
N ASN A 119 -20.28 1.80 -31.42
CA ASN A 119 -20.17 0.85 -30.31
C ASN A 119 -19.14 -0.29 -30.56
N SER A 120 -18.16 -0.07 -31.45
CA SER A 120 -17.09 -1.06 -31.72
C SER A 120 -16.33 -1.33 -30.42
N ALA A 121 -15.99 -2.60 -30.19
CA ALA A 121 -15.26 -3.03 -29.00
C ALA A 121 -13.86 -2.42 -28.98
N ILE A 122 -13.33 -2.21 -27.77
CA ILE A 122 -12.01 -1.68 -27.54
C ILE A 122 -11.26 -2.65 -26.65
N ALA A 123 -10.02 -3.00 -27.04
CA ALA A 123 -9.15 -3.82 -26.21
C ALA A 123 -8.33 -2.81 -25.38
N ALA A 124 -8.29 -3.00 -24.05
CA ALA A 124 -7.49 -2.12 -23.17
C ALA A 124 -6.51 -2.94 -22.35
N ASN A 125 -5.44 -2.29 -21.89
CA ASN A 125 -4.43 -2.90 -21.07
C ASN A 125 -4.01 -1.87 -20.01
N ASN A 126 -4.21 -2.18 -18.70
CA ASN A 126 -3.87 -1.22 -17.63
C ASN A 126 -2.38 -1.00 -17.48
N TYR A 127 -1.53 -1.75 -18.23
CA TYR A 127 -0.10 -1.50 -18.16
C TYR A 127 0.18 -0.14 -18.79
N ASP A 128 -0.69 0.28 -19.74
CA ASP A 128 -0.58 1.57 -20.43
C ASP A 128 -0.60 2.78 -19.47
N TRP A 129 -1.24 2.65 -18.29
CA TRP A 129 -1.24 3.74 -17.32
C TRP A 129 -0.43 3.43 -16.05
N PHE A 130 -0.32 2.15 -15.65
CA PHE A 130 0.46 1.85 -14.44
C PHE A 130 1.94 1.56 -14.70
N GLY A 131 2.27 1.13 -15.93
CA GLY A 131 3.63 0.74 -16.32
C GLY A 131 4.69 1.80 -16.15
N ASN A 132 4.29 3.07 -16.18
CA ASN A 132 5.19 4.20 -16.03
C ASN A 132 4.75 5.18 -14.93
N MET A 133 3.77 4.80 -14.10
CA MET A 133 3.31 5.70 -13.04
C MET A 133 4.31 5.72 -11.88
N ASN A 134 4.68 6.92 -11.43
CA ASN A 134 5.59 7.08 -10.30
C ASN A 134 4.88 6.64 -9.01
N VAL A 135 5.63 5.99 -8.12
CA VAL A 135 5.09 5.51 -6.83
C VAL A 135 4.50 6.64 -5.95
N LEU A 136 5.14 7.85 -5.87
CA LEU A 136 4.60 8.95 -5.04
C LEU A 136 3.29 9.50 -5.63
N THR A 137 3.23 9.55 -6.96
CA THR A 137 2.00 9.99 -7.66
C THR A 137 0.85 9.02 -7.31
N PHE A 138 1.09 7.70 -7.39
CA PHE A 138 0.10 6.67 -7.04
C PHE A 138 -0.33 6.80 -5.59
N LEU A 139 0.63 6.83 -4.67
CA LEU A 139 0.29 6.92 -3.25
C LEU A 139 -0.45 8.19 -2.89
N ARG A 140 -0.08 9.33 -3.50
CA ARG A 140 -0.75 10.59 -3.16
C ARG A 140 -2.10 10.72 -3.90
N ASP A 141 -2.08 10.64 -5.23
CA ASP A 141 -3.27 10.89 -6.06
C ASP A 141 -4.36 9.83 -5.94
N ILE A 142 -3.98 8.57 -5.67
CA ILE A 142 -4.92 7.46 -5.57
C ILE A 142 -5.05 6.98 -4.15
N GLY A 143 -3.92 6.64 -3.53
CA GLY A 143 -3.88 6.08 -2.18
C GLY A 143 -4.56 6.89 -1.10
N LYS A 144 -4.51 8.22 -1.20
CA LYS A 144 -5.11 9.09 -0.16
C LYS A 144 -6.64 8.89 -0.05
N HIS A 145 -7.25 8.42 -1.14
CA HIS A 145 -8.71 8.23 -1.22
C HIS A 145 -9.14 6.91 -0.66
N PHE A 146 -8.17 6.05 -0.25
CA PHE A 146 -8.47 4.72 0.28
C PHE A 146 -8.24 4.65 1.77
N SER A 147 -9.23 4.10 2.48
CA SER A 147 -9.17 3.91 3.94
C SER A 147 -8.79 2.48 4.21
N VAL A 148 -7.70 2.27 4.97
CA VAL A 148 -7.24 0.92 5.31
C VAL A 148 -8.30 0.20 6.16
N ASN A 149 -8.97 0.94 7.06
CA ASN A 149 -10.06 0.44 7.91
C ASN A 149 -11.15 -0.18 7.03
N GLN A 150 -11.52 0.51 5.94
CA GLN A 150 -12.49 0.00 4.94
C GLN A 150 -11.91 -1.15 4.15
N MET A 151 -10.67 -1.01 3.67
CA MET A 151 -10.03 -2.09 2.92
C MET A 151 -9.99 -3.45 3.63
N ILE A 152 -9.66 -3.45 4.94
CA ILE A 152 -9.52 -4.66 5.75
C ILE A 152 -10.88 -5.33 6.08
N ASN A 153 -11.97 -4.59 5.83
CA ASN A 153 -13.34 -5.05 6.01
C ASN A 153 -14.00 -5.52 4.70
N LYS A 154 -13.27 -5.48 3.56
CA LYS A 154 -13.78 -6.01 2.29
C LYS A 154 -13.85 -7.53 2.40
N GLU A 155 -15.03 -8.12 2.07
CA GLU A 155 -15.27 -9.58 2.15
C GLU A 155 -14.24 -10.40 1.41
N ALA A 156 -13.73 -9.88 0.30
CA ALA A 156 -12.75 -10.55 -0.55
C ALA A 156 -11.39 -10.85 0.11
N VAL A 157 -10.98 -10.05 1.14
CA VAL A 157 -9.68 -10.21 1.81
C VAL A 157 -9.76 -10.52 3.32
N LYS A 158 -10.99 -10.67 3.90
CA LYS A 158 -11.20 -10.95 5.33
C LYS A 158 -10.58 -12.27 5.83
N GLN A 159 -10.78 -13.38 5.07
CA GLN A 159 -10.26 -14.70 5.42
C GLN A 159 -8.72 -14.71 5.47
N ARG A 160 -8.09 -13.70 4.82
CA ARG A 160 -6.64 -13.51 4.75
C ARG A 160 -6.08 -12.60 5.86
N LEU A 161 -6.96 -11.95 6.63
CA LEU A 161 -6.54 -11.02 7.68
C LEU A 161 -6.74 -11.54 9.11
N ASN A 162 -6.80 -12.88 9.28
CA ASN A 162 -6.92 -13.48 10.60
C ASN A 162 -5.58 -14.03 11.10
N ARG A 163 -4.83 -14.75 10.24
CA ARG A 163 -3.56 -15.41 10.58
C ARG A 163 -2.47 -15.11 9.55
N GLU A 164 -1.25 -14.82 10.04
CA GLU A 164 -0.06 -14.52 9.22
C GLU A 164 0.28 -15.63 8.21
N ASP A 165 0.19 -16.92 8.66
CA ASP A 165 0.46 -18.14 7.89
C ASP A 165 -0.53 -18.37 6.72
N GLN A 166 -1.67 -17.67 6.74
CA GLN A 166 -2.67 -17.70 5.67
C GLN A 166 -2.96 -16.23 5.38
N GLY A 167 -1.88 -15.43 5.37
CA GLY A 167 -1.92 -13.98 5.24
C GLY A 167 -1.89 -13.35 3.88
N ILE A 168 -1.67 -12.03 3.85
CA ILE A 168 -1.67 -11.26 2.61
C ILE A 168 -0.52 -10.26 2.56
N SER A 169 0.22 -10.23 1.46
CA SER A 169 1.34 -9.30 1.27
C SER A 169 0.81 -7.91 0.95
N PHE A 170 1.63 -6.89 1.15
CA PHE A 170 1.26 -5.52 0.81
C PHE A 170 0.98 -5.44 -0.70
N THR A 171 1.70 -6.26 -1.52
CA THR A 171 1.51 -6.34 -2.99
C THR A 171 0.06 -6.67 -3.33
N GLU A 172 -0.45 -7.80 -2.85
CA GLU A 172 -1.82 -8.22 -3.18
C GLU A 172 -2.86 -7.36 -2.49
N PHE A 173 -2.51 -6.76 -1.33
CA PHE A 173 -3.44 -5.87 -0.64
C PHE A 173 -3.65 -4.56 -1.41
N SER A 174 -2.65 -4.14 -2.19
CA SER A 174 -2.76 -2.89 -2.99
C SER A 174 -3.57 -3.10 -4.27
N TYR A 175 -3.82 -4.36 -4.65
CA TYR A 175 -4.55 -4.68 -5.90
C TYR A 175 -5.84 -3.89 -6.08
N ASN A 176 -6.67 -3.84 -5.03
CA ASN A 176 -7.95 -3.14 -4.99
C ASN A 176 -7.83 -1.69 -5.50
N LEU A 177 -6.69 -1.01 -5.21
CA LEU A 177 -6.47 0.37 -5.70
C LEU A 177 -6.22 0.41 -7.21
N LEU A 178 -5.52 -0.59 -7.77
CA LEU A 178 -5.26 -0.59 -9.21
C LEU A 178 -6.55 -0.77 -9.99
N GLN A 179 -7.38 -1.74 -9.60
CA GLN A 179 -8.68 -2.00 -10.27
C GLN A 179 -9.61 -0.83 -10.06
N GLY A 180 -9.53 -0.22 -8.88
CA GLY A 180 -10.29 0.99 -8.57
C GLY A 180 -9.92 2.11 -9.53
N TYR A 181 -8.60 2.39 -9.67
CA TYR A 181 -8.16 3.45 -10.60
C TYR A 181 -8.47 3.12 -12.06
N ASP A 182 -8.39 1.82 -12.45
CA ASP A 182 -8.74 1.43 -13.82
C ASP A 182 -10.12 1.95 -14.20
N PHE A 183 -11.11 1.79 -13.29
CA PHE A 183 -12.48 2.25 -13.58
C PHE A 183 -12.47 3.78 -13.79
N ALA A 184 -11.76 4.52 -12.91
CA ALA A 184 -11.69 5.98 -13.03
C ALA A 184 -11.04 6.37 -14.36
N CYS A 185 -9.95 5.68 -14.72
CA CYS A 185 -9.17 5.92 -15.93
C CYS A 185 -9.97 5.64 -17.23
N LEU A 186 -10.72 4.52 -17.26
CA LEU A 186 -11.58 4.19 -18.40
C LEU A 186 -12.78 5.13 -18.50
N ASN A 187 -13.28 5.61 -17.37
CA ASN A 187 -14.34 6.62 -17.37
C ASN A 187 -13.82 7.91 -18.08
N LYS A 188 -12.59 8.36 -17.72
CA LYS A 188 -12.01 9.56 -18.35
C LYS A 188 -11.61 9.35 -19.84
N GLN A 189 -10.99 8.20 -20.18
CA GLN A 189 -10.53 7.95 -21.54
C GLN A 189 -11.67 7.73 -22.53
N TYR A 190 -12.64 6.86 -22.16
CA TYR A 190 -13.71 6.43 -23.05
C TYR A 190 -15.12 6.69 -22.59
N GLY A 191 -15.29 7.30 -21.43
CA GLY A 191 -16.64 7.53 -20.93
C GLY A 191 -17.31 6.27 -20.42
N VAL A 192 -16.50 5.27 -19.99
CA VAL A 192 -16.99 4.02 -19.39
C VAL A 192 -17.77 4.35 -18.10
N VAL A 193 -19.04 3.93 -18.03
CA VAL A 193 -19.90 4.23 -16.88
C VAL A 193 -20.36 2.97 -16.17
N LEU A 194 -19.96 1.80 -16.68
CA LEU A 194 -20.32 0.55 -16.06
C LEU A 194 -19.20 -0.45 -16.07
N GLN A 195 -19.00 -1.12 -14.95
CA GLN A 195 -18.06 -2.22 -14.88
C GLN A 195 -18.84 -3.48 -14.49
N ILE A 196 -18.59 -4.58 -15.19
CA ILE A 196 -19.16 -5.87 -14.88
C ILE A 196 -18.04 -6.84 -14.54
N GLY A 197 -18.40 -7.93 -13.89
CA GLY A 197 -17.50 -9.01 -13.54
C GLY A 197 -18.25 -10.05 -12.75
N GLY A 198 -17.58 -11.12 -12.35
CA GLY A 198 -18.19 -12.13 -11.49
C GLY A 198 -18.39 -11.57 -10.09
N SER A 199 -19.21 -12.23 -9.27
CA SER A 199 -19.52 -11.74 -7.91
C SER A 199 -18.29 -11.54 -6.98
N ASP A 200 -17.19 -12.29 -7.21
CA ASP A 200 -15.95 -12.12 -6.41
C ASP A 200 -15.35 -10.72 -6.63
N GLN A 201 -15.73 -10.05 -7.73
CA GLN A 201 -15.16 -8.75 -8.06
C GLN A 201 -15.92 -7.56 -7.47
N TRP A 202 -17.01 -7.83 -6.71
CA TRP A 202 -17.87 -6.78 -6.15
C TRP A 202 -17.09 -5.65 -5.45
N GLY A 203 -16.23 -6.00 -4.50
CA GLY A 203 -15.43 -5.01 -3.76
C GLY A 203 -14.43 -4.24 -4.61
N ASN A 204 -13.82 -4.90 -5.62
CA ASN A 204 -12.90 -4.20 -6.53
C ASN A 204 -13.68 -3.20 -7.41
N ILE A 205 -14.89 -3.58 -7.82
CA ILE A 205 -15.79 -2.74 -8.62
C ILE A 205 -16.29 -1.54 -7.77
N THR A 206 -16.83 -1.78 -6.57
CA THR A 206 -17.33 -0.67 -5.71
C THR A 206 -16.20 0.31 -5.32
N SER A 207 -14.93 -0.12 -5.27
CA SER A 207 -13.79 0.78 -4.99
C SER A 207 -13.58 1.71 -6.20
N GLY A 208 -13.79 1.18 -7.41
CA GLY A 208 -13.71 2.00 -8.63
C GLY A 208 -14.83 3.01 -8.72
N ILE A 209 -16.04 2.60 -8.35
CA ILE A 209 -17.20 3.51 -8.31
C ILE A 209 -16.89 4.66 -7.34
N ASP A 210 -16.46 4.34 -6.12
CA ASP A 210 -16.15 5.38 -5.14
C ASP A 210 -15.01 6.30 -5.62
N LEU A 211 -13.92 5.72 -6.14
CA LEU A 211 -12.77 6.50 -6.63
C LEU A 211 -13.14 7.44 -7.80
N THR A 212 -14.01 6.99 -8.71
CA THR A 212 -14.44 7.80 -9.85
C THR A 212 -15.19 9.02 -9.34
N ARG A 213 -15.98 8.86 -8.23
CA ARG A 213 -16.69 10.00 -7.63
C ARG A 213 -15.67 11.00 -7.07
N ARG A 214 -14.65 10.48 -6.35
CA ARG A 214 -13.59 11.28 -5.70
C ARG A 214 -12.66 11.99 -6.69
N LEU A 215 -12.30 11.30 -7.77
CA LEU A 215 -11.39 11.86 -8.79
C LEU A 215 -12.05 12.68 -9.89
N HIS A 216 -13.12 12.18 -10.48
CA HIS A 216 -13.72 12.84 -11.64
C HIS A 216 -15.11 13.38 -11.42
N GLN A 217 -15.66 13.23 -10.20
CA GLN A 217 -16.97 13.76 -9.82
C GLN A 217 -18.04 13.24 -10.79
N ASN A 218 -17.91 11.95 -11.13
CA ASN A 218 -18.80 11.27 -12.06
C ASN A 218 -19.43 10.09 -11.41
N GLN A 219 -20.64 9.80 -11.84
CA GLN A 219 -21.39 8.68 -11.33
C GLN A 219 -21.22 7.53 -12.31
N VAL A 220 -20.71 6.41 -11.80
CA VAL A 220 -20.54 5.18 -12.58
C VAL A 220 -21.22 4.05 -11.80
N PHE A 221 -21.38 2.87 -12.43
CA PHE A 221 -22.15 1.76 -11.89
C PHE A 221 -21.41 0.44 -11.96
N GLY A 222 -21.91 -0.53 -11.21
CA GLY A 222 -21.31 -1.86 -11.17
C GLY A 222 -22.37 -2.92 -11.26
N LEU A 223 -22.06 -4.02 -11.94
CA LEU A 223 -22.98 -5.14 -12.07
C LEU A 223 -22.20 -6.41 -12.00
N THR A 224 -22.61 -7.34 -11.13
CA THR A 224 -21.91 -8.62 -11.10
C THR A 224 -22.79 -9.76 -11.58
N VAL A 225 -22.12 -10.79 -12.09
CA VAL A 225 -22.73 -12.02 -12.59
C VAL A 225 -22.44 -13.08 -11.52
N PRO A 226 -23.37 -14.00 -11.23
CA PRO A 226 -23.06 -14.98 -10.18
C PRO A 226 -21.97 -15.95 -10.60
N LEU A 227 -21.22 -16.43 -9.61
CA LEU A 227 -20.22 -17.48 -9.84
C LEU A 227 -21.04 -18.77 -9.96
N ILE A 228 -20.80 -19.55 -11.00
CA ILE A 228 -21.55 -20.77 -11.27
C ILE A 228 -21.31 -21.86 -10.26
N THR A 229 -22.41 -22.36 -9.73
CA THR A 229 -22.46 -23.44 -8.75
C THR A 229 -23.32 -24.57 -9.33
N LYS A 230 -23.11 -25.78 -8.83
CA LYS A 230 -23.88 -26.93 -9.28
C LYS A 230 -24.97 -27.22 -8.25
N ALA A 231 -26.09 -27.84 -8.70
CA ALA A 231 -27.22 -28.22 -7.83
C ALA A 231 -26.79 -29.18 -6.71
N ASP A 232 -25.77 -30.02 -7.00
CA ASP A 232 -25.21 -31.02 -6.08
C ASP A 232 -24.19 -30.44 -5.09
N GLY A 233 -23.77 -29.19 -5.32
CA GLY A 233 -22.84 -28.48 -4.45
C GLY A 233 -21.36 -28.57 -4.81
N THR A 234 -21.02 -29.30 -5.87
CA THR A 234 -19.62 -29.46 -6.29
C THR A 234 -19.11 -28.25 -7.07
N LYS A 235 -17.80 -28.20 -7.34
CA LYS A 235 -17.16 -27.12 -8.08
C LYS A 235 -17.45 -27.26 -9.59
N PHE A 236 -17.73 -26.12 -10.25
CA PHE A 236 -18.02 -26.05 -11.69
C PHE A 236 -16.74 -26.08 -12.51
N GLY A 237 -16.75 -26.86 -13.59
CA GLY A 237 -15.63 -27.00 -14.53
C GLY A 237 -14.41 -27.70 -13.98
N LYS A 238 -14.61 -28.60 -12.98
CA LYS A 238 -13.56 -29.37 -12.33
C LYS A 238 -13.33 -30.74 -12.97
N GLY A 242 -8.65 -31.24 -14.49
CA GLY A 242 -8.75 -29.90 -13.91
C GLY A 242 -9.77 -29.01 -14.57
N ALA A 243 -9.37 -27.78 -14.94
CA ALA A 243 -10.25 -26.78 -15.57
C ALA A 243 -10.62 -27.16 -17.03
N VAL A 244 -11.65 -26.47 -17.58
CA VAL A 244 -12.10 -26.62 -18.96
C VAL A 244 -11.65 -25.35 -19.67
N TRP A 245 -10.54 -25.41 -20.37
CA TRP A 245 -9.91 -24.25 -21.01
C TRP A 245 -10.53 -23.95 -22.34
N LEU A 246 -10.38 -22.70 -22.83
CA LEU A 246 -10.89 -22.32 -24.16
C LEU A 246 -9.91 -22.69 -25.28
N ASP A 247 -8.62 -22.78 -24.94
CA ASP A 247 -7.53 -23.15 -25.86
C ASP A 247 -7.67 -24.62 -26.26
N PRO A 248 -7.82 -24.95 -27.58
CA PRO A 248 -8.00 -26.35 -27.99
C PRO A 248 -6.79 -27.24 -27.69
N LYS A 249 -5.61 -26.63 -27.48
CA LYS A 249 -4.40 -27.40 -27.18
C LYS A 249 -4.33 -27.81 -25.69
N LYS A 250 -5.19 -27.22 -24.85
CA LYS A 250 -5.30 -27.48 -23.42
C LYS A 250 -6.51 -28.35 -23.15
N THR A 251 -7.64 -28.08 -23.84
CA THR A 251 -8.87 -28.88 -23.74
C THR A 251 -9.37 -29.02 -25.16
N SER A 252 -9.33 -30.23 -25.69
CA SER A 252 -9.75 -30.45 -27.07
C SER A 252 -11.23 -30.14 -27.26
N PRO A 253 -11.64 -29.73 -28.48
CA PRO A 253 -13.07 -29.52 -28.76
C PRO A 253 -13.94 -30.75 -28.40
N TYR A 254 -13.43 -32.01 -28.59
CA TYR A 254 -14.16 -33.21 -28.21
C TYR A 254 -14.44 -33.23 -26.70
N LYS A 255 -13.38 -33.04 -25.89
CA LYS A 255 -13.48 -33.03 -24.42
C LYS A 255 -14.41 -31.89 -23.98
N PHE A 256 -14.29 -30.72 -24.65
CA PHE A 256 -15.13 -29.54 -24.38
C PHE A 256 -16.60 -29.88 -24.55
N TYR A 257 -16.93 -30.48 -25.73
CA TYR A 257 -18.26 -30.88 -26.13
C TYR A 257 -18.87 -31.88 -25.15
N GLN A 258 -18.10 -32.92 -24.79
CA GLN A 258 -18.50 -33.97 -23.85
C GLN A 258 -18.81 -33.42 -22.48
N PHE A 259 -18.02 -32.44 -22.00
CA PHE A 259 -18.25 -31.79 -20.70
C PHE A 259 -19.69 -31.26 -20.64
N TRP A 260 -20.12 -30.58 -21.73
CA TRP A 260 -21.45 -30.00 -21.84
C TRP A 260 -22.55 -31.06 -21.99
N ILE A 261 -22.28 -32.14 -22.75
CA ILE A 261 -23.22 -33.26 -22.94
C ILE A 261 -23.59 -33.87 -21.57
N ASN A 262 -22.60 -33.97 -20.70
CA ASN A 262 -22.76 -34.59 -19.38
C ASN A 262 -23.22 -33.62 -18.25
N THR A 263 -23.81 -32.46 -18.62
CA THR A 263 -24.36 -31.49 -17.65
C THR A 263 -25.57 -32.15 -16.97
N ALA A 264 -25.72 -31.98 -15.64
CA ALA A 264 -26.86 -32.52 -14.90
C ALA A 264 -28.13 -31.81 -15.38
N ASP A 265 -29.28 -32.52 -15.40
CA ASP A 265 -30.57 -31.96 -15.82
C ASP A 265 -30.96 -30.77 -14.95
N ALA A 266 -30.54 -30.80 -13.67
CA ALA A 266 -30.79 -29.76 -12.69
C ALA A 266 -29.97 -28.48 -12.99
N ASP A 267 -28.94 -28.58 -13.86
CA ASP A 267 -28.09 -27.44 -14.22
C ASP A 267 -28.25 -26.96 -15.67
N VAL A 268 -28.76 -27.83 -16.55
CA VAL A 268 -28.79 -27.64 -18.00
C VAL A 268 -29.56 -26.36 -18.44
N TYR A 269 -30.76 -26.12 -17.89
CA TYR A 269 -31.55 -24.94 -18.29
C TYR A 269 -30.91 -23.63 -17.81
N ARG A 270 -30.29 -23.65 -16.62
CA ARG A 270 -29.57 -22.51 -16.05
C ARG A 270 -28.32 -22.21 -16.90
N PHE A 271 -27.63 -23.29 -17.39
CA PHE A 271 -26.43 -23.20 -18.22
C PHE A 271 -26.72 -22.68 -19.64
N LEU A 272 -27.86 -23.04 -20.24
CA LEU A 272 -28.27 -22.49 -21.54
C LEU A 272 -28.46 -20.96 -21.42
N LYS A 273 -29.03 -20.51 -20.30
CA LYS A 273 -29.24 -19.08 -20.03
C LYS A 273 -27.90 -18.35 -19.87
N PHE A 274 -26.96 -18.95 -19.15
CA PHE A 274 -25.64 -18.37 -18.86
C PHE A 274 -24.67 -18.43 -20.04
N PHE A 275 -24.69 -19.54 -20.79
CA PHE A 275 -23.65 -19.74 -21.80
C PHE A 275 -24.07 -19.60 -23.24
N THR A 276 -25.34 -19.35 -23.50
CA THR A 276 -25.76 -19.24 -24.91
C THR A 276 -26.47 -17.94 -25.20
N PHE A 277 -26.72 -17.68 -26.49
CA PHE A 277 -27.44 -16.50 -26.98
C PHE A 277 -28.86 -16.86 -27.38
N MET A 278 -29.29 -18.05 -26.95
CA MET A 278 -30.66 -18.50 -27.18
C MET A 278 -31.58 -17.60 -26.38
N SER A 279 -32.80 -17.35 -26.88
CA SER A 279 -33.73 -16.50 -26.14
C SER A 279 -34.27 -17.26 -24.94
N ILE A 280 -34.74 -16.53 -23.94
CA ILE A 280 -35.33 -17.08 -22.71
C ILE A 280 -36.63 -17.88 -23.04
N GLU A 281 -37.38 -17.43 -24.06
CA GLU A 281 -38.61 -18.07 -24.54
C GLU A 281 -38.28 -19.49 -25.03
N GLU A 282 -37.19 -19.61 -25.80
CA GLU A 282 -36.69 -20.87 -26.37
C GLU A 282 -36.28 -21.87 -25.28
N ILE A 283 -35.56 -21.39 -24.24
CA ILE A 283 -35.04 -22.21 -23.13
C ILE A 283 -36.19 -22.76 -22.27
N ASN A 284 -37.19 -21.90 -21.93
CA ASN A 284 -38.37 -22.28 -21.15
C ASN A 284 -39.21 -23.31 -21.93
N ALA A 285 -39.40 -23.10 -23.25
CA ALA A 285 -40.12 -24.04 -24.12
C ALA A 285 -39.38 -25.40 -24.14
N LEU A 286 -38.03 -25.36 -24.14
CA LEU A 286 -37.19 -26.56 -24.11
C LEU A 286 -37.30 -27.27 -22.75
N GLU A 287 -37.48 -26.52 -21.65
CA GLU A 287 -37.62 -27.06 -20.29
C GLU A 287 -38.91 -27.90 -20.09
N GLU A 288 -40.09 -27.34 -20.45
CA GLU A 288 -41.38 -28.03 -20.30
C GLU A 288 -41.48 -29.28 -21.18
N GLU A 289 -40.99 -29.21 -22.43
CA GLU A 289 -40.95 -30.29 -23.42
C GLU A 289 -40.29 -31.59 -22.85
N ASP A 290 -39.36 -31.45 -21.89
CA ASP A 290 -38.65 -32.57 -21.25
C ASP A 290 -39.45 -33.27 -20.13
N LYS A 291 -40.74 -32.88 -19.94
CA LYS A 291 -41.62 -33.47 -18.92
C LYS A 291 -42.71 -34.35 -19.55
N ALA A 296 -35.68 -38.36 -25.05
CA ALA A 296 -34.61 -37.87 -24.17
C ALA A 296 -34.53 -36.37 -24.22
N PRO A 297 -34.18 -35.67 -23.12
CA PRO A 297 -34.06 -34.20 -23.21
C PRO A 297 -33.02 -33.83 -24.27
N ARG A 298 -33.38 -32.95 -25.19
CA ARG A 298 -32.47 -32.50 -26.23
C ARG A 298 -31.58 -31.33 -25.72
N ALA A 299 -31.88 -30.81 -24.50
CA ALA A 299 -31.20 -29.67 -23.85
C ALA A 299 -29.67 -29.81 -23.72
N GLN A 300 -29.17 -30.94 -23.16
CA GLN A 300 -27.71 -31.16 -23.03
C GLN A 300 -27.00 -31.13 -24.37
N TYR A 301 -27.67 -31.66 -25.42
CA TYR A 301 -27.20 -31.72 -26.81
C TYR A 301 -27.20 -30.32 -27.40
N VAL A 302 -28.29 -29.53 -27.15
CA VAL A 302 -28.44 -28.15 -27.62
C VAL A 302 -27.36 -27.27 -26.94
N LEU A 303 -27.12 -27.49 -25.64
CA LEU A 303 -26.11 -26.74 -24.86
C LEU A 303 -24.70 -27.05 -25.39
N ALA A 304 -24.36 -28.34 -25.57
CA ALA A 304 -23.09 -28.76 -26.14
C ALA A 304 -22.88 -28.16 -27.53
N GLU A 305 -23.88 -28.27 -28.42
CA GLU A 305 -23.84 -27.72 -29.77
C GLU A 305 -23.55 -26.22 -29.77
N GLN A 306 -24.36 -25.43 -29.01
CA GLN A 306 -24.22 -23.98 -28.92
C GLN A 306 -22.86 -23.51 -28.39
N VAL A 307 -22.43 -24.02 -27.22
CA VAL A 307 -21.18 -23.52 -26.59
C VAL A 307 -19.95 -23.96 -27.40
N THR A 308 -19.97 -25.20 -27.94
CA THR A 308 -18.85 -25.72 -28.73
C THR A 308 -18.69 -24.92 -30.01
N ARG A 309 -19.81 -24.59 -30.69
CA ARG A 309 -19.77 -23.78 -31.91
C ARG A 309 -19.23 -22.37 -31.61
N LEU A 310 -19.66 -21.79 -30.48
CA LEU A 310 -19.26 -20.48 -29.98
C LEU A 310 -17.76 -20.41 -29.71
N VAL A 311 -17.20 -21.42 -29.05
CA VAL A 311 -15.79 -21.36 -28.66
C VAL A 311 -14.88 -21.90 -29.77
N HIS A 312 -15.21 -23.07 -30.34
CA HIS A 312 -14.35 -23.71 -31.34
C HIS A 312 -14.82 -23.66 -32.82
N GLY A 313 -15.89 -22.92 -33.10
CA GLY A 313 -16.42 -22.79 -34.46
C GLY A 313 -17.13 -24.03 -34.96
N GLU A 314 -17.74 -23.93 -36.16
CA GLU A 314 -18.44 -25.07 -36.80
C GLU A 314 -17.51 -26.24 -37.03
N GLU A 315 -16.24 -25.96 -37.39
CA GLU A 315 -15.23 -27.00 -37.65
C GLU A 315 -14.92 -27.79 -36.35
N GLY A 316 -14.87 -27.06 -35.22
CA GLY A 316 -14.64 -27.63 -33.90
C GLY A 316 -15.79 -28.52 -33.47
N LEU A 317 -17.02 -28.02 -33.59
CA LEU A 317 -18.24 -28.74 -33.27
C LEU A 317 -18.39 -30.02 -34.11
N GLN A 318 -18.10 -29.93 -35.42
CA GLN A 318 -18.19 -31.09 -36.29
C GLN A 318 -17.18 -32.18 -35.93
N ALA A 319 -15.95 -31.77 -35.57
CA ALA A 319 -14.90 -32.71 -35.16
C ALA A 319 -15.35 -33.41 -33.87
N ALA A 320 -15.91 -32.65 -32.91
CA ALA A 320 -16.38 -33.15 -31.63
C ALA A 320 -17.48 -34.18 -31.81
N LYS A 321 -18.46 -33.87 -32.67
CA LYS A 321 -19.58 -34.76 -33.01
C LYS A 321 -19.09 -35.98 -33.75
N ARG A 322 -18.13 -35.80 -34.68
CA ARG A 322 -17.56 -36.88 -35.50
C ARG A 322 -16.78 -37.89 -34.62
N ILE A 323 -16.04 -37.40 -33.61
CA ILE A 323 -15.30 -38.26 -32.69
C ILE A 323 -16.28 -39.02 -31.79
N THR A 324 -17.29 -38.30 -31.25
CA THR A 324 -18.31 -38.86 -30.37
C THR A 324 -18.99 -40.04 -31.08
N GLU A 325 -19.46 -39.80 -32.32
CA GLU A 325 -20.13 -40.80 -33.17
C GLU A 325 -19.25 -42.03 -33.44
N CYS A 326 -17.98 -41.81 -33.80
CA CYS A 326 -17.03 -42.91 -34.08
C CYS A 326 -16.76 -43.76 -32.84
N LEU A 327 -16.66 -43.14 -31.65
CA LEU A 327 -16.44 -43.87 -30.39
C LEU A 327 -17.70 -44.66 -29.97
N PHE A 328 -18.89 -44.12 -30.23
CA PHE A 328 -20.13 -44.83 -29.90
C PHE A 328 -20.33 -46.04 -30.84
N SER A 329 -20.06 -45.87 -32.16
CA SER A 329 -20.29 -46.90 -33.17
C SER A 329 -19.18 -47.93 -33.26
N GLY A 330 -17.94 -47.49 -33.06
CA GLY A 330 -16.75 -48.31 -33.23
C GLY A 330 -16.22 -48.20 -34.64
N SER A 331 -16.92 -47.47 -35.54
CA SER A 331 -16.44 -47.31 -36.92
C SER A 331 -15.57 -46.07 -36.96
N LEU A 332 -14.27 -46.25 -37.27
CA LEU A 332 -13.29 -45.17 -37.21
C LEU A 332 -12.83 -44.59 -38.54
N SER A 333 -13.43 -45.05 -39.67
CA SER A 333 -13.03 -44.57 -40.99
C SER A 333 -13.22 -43.05 -41.18
N ALA A 334 -14.24 -42.46 -40.52
CA ALA A 334 -14.46 -41.01 -40.59
C ALA A 334 -13.40 -40.19 -39.85
N LEU A 335 -12.64 -40.83 -38.91
CA LEU A 335 -11.63 -40.07 -38.14
C LEU A 335 -10.41 -39.65 -38.98
N SER A 336 -10.05 -38.40 -38.86
CA SER A 336 -8.87 -37.82 -39.53
C SER A 336 -7.69 -37.94 -38.57
N GLU A 337 -6.48 -37.59 -39.03
CA GLU A 337 -5.28 -37.62 -38.18
C GLU A 337 -5.44 -36.66 -37.00
N ALA A 338 -5.99 -35.46 -37.24
CA ALA A 338 -6.23 -34.45 -36.20
C ALA A 338 -7.23 -34.95 -35.17
N ASP A 339 -8.23 -35.76 -35.60
CA ASP A 339 -9.21 -36.35 -34.68
C ASP A 339 -8.54 -37.31 -33.71
N PHE A 340 -7.61 -38.15 -34.20
CA PHE A 340 -6.85 -39.05 -33.33
C PHE A 340 -5.97 -38.24 -32.40
N GLU A 341 -5.48 -37.06 -32.87
CA GLU A 341 -4.65 -36.16 -32.04
C GLU A 341 -5.43 -35.63 -30.86
N GLN A 342 -6.75 -35.37 -31.04
CA GLN A 342 -7.64 -34.96 -29.94
C GLN A 342 -7.80 -36.12 -28.94
N LEU A 343 -8.00 -37.36 -29.44
CA LEU A 343 -8.16 -38.56 -28.62
C LEU A 343 -6.98 -38.81 -27.69
N ALA A 344 -5.76 -38.68 -28.26
CA ALA A 344 -4.50 -38.87 -27.53
C ALA A 344 -4.27 -37.78 -26.50
N GLN A 345 -4.57 -36.52 -26.88
CA GLN A 345 -4.42 -35.37 -26.00
C GLN A 345 -5.21 -35.57 -24.70
N ASP A 346 -6.53 -35.88 -24.80
CA ASP A 346 -7.38 -35.99 -23.60
C ASP A 346 -8.70 -36.71 -23.79
N GLY A 347 -8.96 -37.22 -24.99
CA GLY A 347 -10.23 -37.85 -25.34
C GLY A 347 -10.48 -39.19 -24.68
N VAL A 348 -9.49 -40.08 -24.73
CA VAL A 348 -9.58 -41.43 -24.16
C VAL A 348 -8.27 -41.74 -23.43
N PRO A 349 -8.21 -42.70 -22.47
CA PRO A 349 -6.90 -43.07 -21.90
C PRO A 349 -5.98 -43.54 -23.04
N MET A 350 -4.70 -43.20 -22.98
CA MET A 350 -3.72 -43.56 -24.00
C MET A 350 -2.45 -44.19 -23.42
N VAL A 351 -1.77 -45.02 -24.22
CA VAL A 351 -0.48 -45.66 -23.85
C VAL A 351 0.45 -45.61 -25.07
N GLU A 352 1.69 -45.17 -24.87
CA GLU A 352 2.70 -45.18 -25.95
C GLU A 352 3.37 -46.54 -25.98
N MET A 353 3.59 -47.10 -27.19
CA MET A 353 4.18 -48.44 -27.33
C MET A 353 5.09 -48.56 -28.52
N GLU A 354 6.10 -49.46 -28.43
CA GLU A 354 7.01 -49.75 -29.54
C GLU A 354 6.29 -50.67 -30.53
N LYS A 355 6.45 -50.42 -31.85
CA LYS A 355 5.85 -51.29 -32.89
C LYS A 355 6.51 -52.67 -32.79
N GLY A 356 5.70 -53.72 -32.87
CA GLY A 356 6.16 -55.11 -32.75
C GLY A 356 5.57 -55.76 -31.53
N ALA A 357 4.99 -54.93 -30.62
CA ALA A 357 4.30 -55.41 -29.41
C ALA A 357 3.07 -56.22 -29.84
N ASP A 358 2.82 -57.36 -29.18
CA ASP A 358 1.65 -58.19 -29.48
C ASP A 358 0.38 -57.65 -28.80
N LEU A 359 -0.78 -58.19 -29.18
CA LEU A 359 -2.06 -57.79 -28.60
C LEU A 359 -2.09 -58.02 -27.08
N MET A 360 -1.57 -59.17 -26.60
CA MET A 360 -1.52 -59.45 -25.17
C MET A 360 -0.77 -58.38 -24.40
N GLN A 361 0.40 -57.93 -24.93
CA GLN A 361 1.21 -56.89 -24.28
C GLN A 361 0.53 -55.56 -24.27
N ALA A 362 -0.15 -55.19 -25.36
CA ALA A 362 -0.88 -53.92 -25.43
C ALA A 362 -1.98 -53.87 -24.37
N LEU A 363 -2.66 -55.00 -24.12
CA LEU A 363 -3.74 -55.03 -23.12
C LEU A 363 -3.20 -54.90 -21.70
N VAL A 364 -2.02 -55.47 -21.45
CA VAL A 364 -1.40 -55.38 -20.14
C VAL A 364 -0.87 -53.97 -19.92
N ASP A 365 -0.10 -53.42 -20.90
CA ASP A 365 0.52 -52.08 -20.81
C ASP A 365 -0.51 -50.97 -20.72
N SER A 366 -1.65 -51.15 -21.38
CA SER A 366 -2.74 -50.18 -21.34
C SER A 366 -3.54 -50.31 -20.02
N GLU A 367 -3.25 -51.35 -19.22
CA GLU A 367 -3.95 -51.67 -17.97
C GLU A 367 -5.42 -52.14 -18.20
N LEU A 368 -5.75 -52.57 -19.43
CA LEU A 368 -7.08 -53.13 -19.70
C LEU A 368 -7.14 -54.56 -19.14
N GLN A 369 -5.96 -55.17 -18.91
CA GLN A 369 -5.78 -56.52 -18.37
C GLN A 369 -4.61 -56.53 -17.42
N PRO A 370 -4.68 -57.36 -16.35
CA PRO A 370 -3.63 -57.32 -15.35
C PRO A 370 -2.39 -58.18 -15.68
N SER A 371 -2.56 -59.24 -16.52
CA SER A 371 -1.48 -60.16 -16.87
C SER A 371 -1.69 -60.73 -18.27
N ARG A 372 -0.60 -61.31 -18.87
CA ARG A 372 -0.69 -61.91 -20.20
C ARG A 372 -1.64 -63.11 -20.20
N GLY A 373 -1.58 -63.94 -19.15
CA GLY A 373 -2.43 -65.13 -19.01
C GLY A 373 -3.90 -64.76 -18.93
N GLN A 374 -4.22 -63.66 -18.20
CA GLN A 374 -5.59 -63.18 -18.14
C GLN A 374 -5.99 -62.58 -19.50
N ALA A 375 -5.10 -61.76 -20.11
CA ALA A 375 -5.33 -61.11 -21.42
C ALA A 375 -5.70 -62.14 -22.48
N ARG A 376 -4.98 -63.30 -22.49
CA ARG A 376 -5.21 -64.43 -23.39
C ARG A 376 -6.67 -64.90 -23.28
N LYS A 377 -7.17 -65.10 -22.03
CA LYS A 377 -8.54 -65.56 -21.78
C LYS A 377 -9.54 -64.50 -22.22
N THR A 378 -9.22 -63.23 -21.98
CA THR A 378 -10.09 -62.11 -22.36
C THR A 378 -10.21 -62.01 -23.89
N ILE A 379 -9.08 -62.15 -24.61
CA ILE A 379 -9.06 -62.11 -26.09
C ILE A 379 -9.86 -63.29 -26.63
N ALA A 380 -9.64 -64.51 -26.09
CA ALA A 380 -10.34 -65.72 -26.55
C ALA A 380 -11.86 -65.63 -26.32
N SER A 381 -12.28 -64.83 -25.32
CA SER A 381 -13.70 -64.61 -24.98
C SER A 381 -14.44 -63.65 -25.95
N ASN A 382 -13.74 -63.13 -26.96
CA ASN A 382 -14.23 -62.17 -27.96
C ASN A 382 -14.57 -60.80 -27.35
N ALA A 383 -13.79 -60.37 -26.34
CA ALA A 383 -14.04 -59.10 -25.67
C ALA A 383 -13.28 -57.91 -26.27
N ILE A 384 -12.34 -58.16 -27.17
CA ILE A 384 -11.45 -57.11 -27.67
C ILE A 384 -11.70 -56.73 -29.10
N THR A 385 -11.77 -55.40 -29.35
CA THR A 385 -11.85 -54.86 -30.70
C THR A 385 -10.58 -54.05 -30.94
N ILE A 386 -10.10 -54.06 -32.20
CA ILE A 386 -8.93 -53.31 -32.67
C ILE A 386 -9.52 -52.46 -33.78
N ASN A 387 -9.51 -51.13 -33.59
CA ASN A 387 -10.12 -50.15 -34.51
C ASN A 387 -11.58 -50.54 -34.86
N GLY A 388 -12.31 -51.03 -33.84
CA GLY A 388 -13.71 -51.44 -33.94
C GLY A 388 -13.96 -52.84 -34.48
N GLU A 389 -12.90 -53.57 -34.86
CA GLU A 389 -13.05 -54.93 -35.38
C GLU A 389 -12.64 -55.95 -34.32
N LYS A 390 -13.50 -56.94 -34.04
CA LYS A 390 -13.23 -58.02 -33.09
C LYS A 390 -11.95 -58.79 -33.43
N GLN A 391 -11.15 -59.12 -32.41
CA GLN A 391 -9.95 -59.92 -32.59
C GLN A 391 -9.92 -60.91 -31.44
N SER A 392 -10.14 -62.20 -31.75
CA SER A 392 -10.21 -63.22 -30.71
C SER A 392 -9.05 -64.23 -30.71
N ASP A 393 -7.97 -63.97 -31.46
CA ASP A 393 -6.79 -64.84 -31.46
C ASP A 393 -5.87 -64.28 -30.37
N PRO A 394 -5.68 -64.99 -29.23
CA PRO A 394 -4.83 -64.44 -28.15
C PRO A 394 -3.38 -64.19 -28.54
N GLU A 395 -2.88 -64.92 -29.55
CA GLU A 395 -1.50 -64.85 -30.02
C GLU A 395 -1.24 -63.80 -31.11
N TYR A 396 -2.26 -63.03 -31.46
CA TYR A 396 -2.23 -62.00 -32.49
C TYR A 396 -1.21 -60.89 -32.29
N PHE A 397 -0.56 -60.49 -33.42
CA PHE A 397 0.30 -59.32 -33.55
C PHE A 397 -0.42 -58.38 -34.50
N PHE A 398 -0.41 -57.09 -34.18
CA PHE A 398 -1.06 -56.08 -35.01
C PHE A 398 -0.52 -56.05 -36.42
N LYS A 399 -1.39 -55.79 -37.40
CA LYS A 399 -0.95 -55.65 -38.79
C LYS A 399 -0.50 -54.21 -38.99
N GLU A 400 0.42 -53.95 -39.93
CA GLU A 400 0.83 -52.55 -40.17
C GLU A 400 -0.34 -51.65 -40.54
N GLU A 401 -1.32 -52.17 -41.34
CA GLU A 401 -2.50 -51.38 -41.72
C GLU A 401 -3.39 -50.99 -40.52
N GLU A 402 -3.19 -51.67 -39.36
CA GLU A 402 -3.95 -51.39 -38.14
C GLU A 402 -3.38 -50.23 -37.37
N ARG A 403 -2.16 -49.79 -37.75
CA ARG A 403 -1.52 -48.59 -37.19
C ARG A 403 -1.99 -47.45 -38.12
N LEU A 404 -3.17 -46.91 -37.83
CA LEU A 404 -3.76 -45.86 -38.64
C LEU A 404 -2.89 -44.61 -38.64
N PHE A 405 -2.56 -44.15 -39.87
CA PHE A 405 -1.64 -43.04 -40.16
C PHE A 405 -0.26 -43.38 -39.59
N GLY A 406 0.04 -44.69 -39.60
CA GLY A 406 1.27 -45.30 -39.09
C GLY A 406 1.52 -45.00 -37.62
N ARG A 407 0.48 -44.55 -36.88
CA ARG A 407 0.62 -44.05 -35.50
C ARG A 407 -0.43 -44.49 -34.51
N PHE A 408 -1.63 -44.77 -34.94
CA PHE A 408 -2.68 -44.98 -33.93
C PHE A 408 -3.43 -46.30 -34.03
N THR A 409 -3.73 -46.91 -32.88
CA THR A 409 -4.57 -48.10 -32.82
C THR A 409 -5.49 -47.98 -31.62
N LEU A 410 -6.78 -48.08 -31.86
CA LEU A 410 -7.72 -47.93 -30.78
C LEU A 410 -8.22 -49.30 -30.30
N LEU A 411 -7.92 -49.65 -29.03
CA LEU A 411 -8.41 -50.91 -28.43
C LEU A 411 -9.65 -50.62 -27.61
N ARG A 412 -10.58 -51.58 -27.56
CA ARG A 412 -11.74 -51.48 -26.69
C ARG A 412 -11.93 -52.85 -26.04
N ARG A 413 -12.07 -52.85 -24.70
CA ARG A 413 -12.33 -54.05 -23.91
C ARG A 413 -13.79 -53.99 -23.54
N GLY A 414 -14.54 -55.02 -23.94
CA GLY A 414 -15.97 -55.06 -23.69
C GLY A 414 -16.71 -54.00 -24.51
N LYS A 415 -17.82 -53.52 -23.99
CA LYS A 415 -18.61 -52.56 -24.75
C LYS A 415 -18.21 -51.08 -24.58
N LYS A 416 -17.36 -50.72 -23.59
CA LYS A 416 -17.06 -49.28 -23.42
C LYS A 416 -15.65 -48.88 -23.00
N ASN A 417 -14.77 -49.81 -22.56
CA ASN A 417 -13.43 -49.40 -22.11
C ASN A 417 -12.43 -49.26 -23.25
N TYR A 418 -12.12 -48.02 -23.62
CA TYR A 418 -11.17 -47.69 -24.68
C TYR A 418 -9.77 -47.39 -24.17
N CYS A 419 -8.76 -47.69 -25.00
CA CYS A 419 -7.40 -47.21 -24.82
C CYS A 419 -6.73 -47.04 -26.17
N LEU A 420 -6.20 -45.83 -26.38
CA LEU A 420 -5.51 -45.50 -27.62
C LEU A 420 -4.02 -45.81 -27.55
N ILE A 421 -3.55 -46.65 -28.48
CA ILE A 421 -2.11 -46.93 -28.57
C ILE A 421 -1.55 -45.90 -29.54
N CYS A 422 -0.51 -45.20 -29.10
CA CYS A 422 0.23 -44.27 -29.93
C CYS A 422 1.59 -44.93 -30.19
N TRP A 423 1.77 -45.44 -31.42
CA TRP A 423 2.99 -46.14 -31.80
C TRP A 423 4.23 -45.24 -31.87
N LYS A 424 5.33 -45.68 -31.26
CA LYS A 424 6.61 -44.97 -31.24
C LYS A 424 7.36 -45.24 -32.54
N ASN B 5 33.06 1.26 25.34
CA ASN B 5 31.83 0.68 24.79
C ASN B 5 30.81 1.82 24.59
N LEU B 6 30.60 2.26 23.33
CA LEU B 6 29.69 3.39 23.03
C LEU B 6 28.24 3.16 23.49
N ILE B 7 27.70 1.98 23.24
CA ILE B 7 26.32 1.67 23.66
C ILE B 7 26.18 1.79 25.18
N LYS B 8 27.13 1.23 25.94
CA LYS B 8 27.12 1.36 27.40
C LYS B 8 27.21 2.83 27.85
N GLN B 9 28.07 3.63 27.20
CA GLN B 9 28.19 5.07 27.48
C GLN B 9 26.83 5.78 27.21
N LEU B 10 26.17 5.45 26.09
CA LEU B 10 24.86 6.04 25.79
C LEU B 10 23.79 5.59 26.79
N GLN B 11 23.82 4.32 27.20
CA GLN B 11 22.94 3.75 28.24
C GLN B 11 23.05 4.47 29.60
N GLU B 12 24.29 4.83 30.02
CA GLU B 12 24.51 5.57 31.29
C GLU B 12 23.90 6.99 31.20
N ARG B 13 23.79 7.56 29.97
CA ARG B 13 23.17 8.88 29.79
C ARG B 13 21.62 8.73 29.69
N GLY B 14 21.15 7.48 29.64
CA GLY B 14 19.73 7.15 29.49
C GLY B 14 19.25 7.38 28.08
N LEU B 15 20.17 7.29 27.11
CA LEU B 15 19.88 7.57 25.71
C LEU B 15 19.53 6.36 24.83
N VAL B 16 19.42 5.17 25.42
CA VAL B 16 19.11 3.99 24.61
C VAL B 16 17.78 3.45 25.08
N ALA B 17 16.72 3.49 24.23
CA ALA B 17 15.40 2.92 24.53
C ALA B 17 15.48 1.44 24.15
N GLN B 18 15.79 1.14 22.88
CA GLN B 18 15.90 -0.23 22.38
C GLN B 18 17.06 -0.36 21.41
N VAL B 19 17.59 -1.56 21.28
CA VAL B 19 18.69 -1.85 20.37
C VAL B 19 18.57 -3.26 19.83
N THR B 20 18.71 -3.44 18.49
CA THR B 20 18.65 -4.79 17.92
C THR B 20 20.02 -5.46 18.07
N ASP B 21 20.04 -6.77 18.41
CA ASP B 21 21.26 -7.58 18.56
C ASP B 21 22.43 -6.77 19.13
N GLU B 22 22.24 -6.25 20.34
CA GLU B 22 23.17 -5.40 21.08
C GLU B 22 24.62 -5.93 21.10
N GLU B 23 24.82 -7.24 21.32
CA GLU B 23 26.17 -7.82 21.36
C GLU B 23 26.89 -7.70 20.00
N ALA B 24 26.20 -8.09 18.91
CA ALA B 24 26.74 -8.00 17.55
C ALA B 24 27.00 -6.52 17.19
N LEU B 25 26.06 -5.60 17.52
CA LEU B 25 26.27 -4.17 17.24
C LEU B 25 27.49 -3.63 18.02
N ALA B 26 27.59 -3.93 19.33
CA ALA B 26 28.74 -3.50 20.15
C ALA B 26 30.04 -4.06 19.57
N GLU B 27 30.01 -5.31 19.08
CA GLU B 27 31.19 -5.94 18.48
C GLU B 27 31.57 -5.17 17.21
N ARG B 28 30.58 -4.82 16.39
CA ARG B 28 30.80 -4.05 15.17
C ARG B 28 31.35 -2.66 15.47
N LEU B 29 30.80 -1.95 16.49
CA LEU B 29 31.30 -0.61 16.87
C LEU B 29 32.74 -0.64 17.37
N ALA B 30 33.09 -1.65 18.18
CA ALA B 30 34.46 -1.80 18.73
C ALA B 30 35.48 -2.16 17.65
N GLN B 31 35.05 -2.82 16.55
CA GLN B 31 35.96 -3.24 15.45
C GLN B 31 36.57 -2.04 14.70
N GLY B 32 35.73 -1.05 14.40
CA GLY B 32 36.13 0.17 13.72
C GLY B 32 34.96 1.09 13.44
N PRO B 33 35.18 2.18 12.67
CA PRO B 33 34.06 3.12 12.37
C PRO B 33 33.00 2.47 11.49
N ILE B 34 31.72 2.81 11.75
CA ILE B 34 30.57 2.36 10.97
C ILE B 34 29.93 3.61 10.37
N ALA B 35 29.03 3.43 9.41
CA ALA B 35 28.23 4.55 8.90
C ALA B 35 26.85 4.29 9.49
N LEU B 36 26.18 5.35 9.97
CA LEU B 36 24.82 5.25 10.58
C LEU B 36 23.96 6.37 10.06
N TYR B 37 22.64 6.27 10.26
CA TYR B 37 21.79 7.37 9.79
C TYR B 37 20.64 7.62 10.66
N CYS B 38 20.09 8.83 10.52
CA CYS B 38 18.85 9.22 11.14
C CYS B 38 18.13 10.09 10.17
N GLY B 39 16.83 9.87 10.03
CA GLY B 39 16.01 10.67 9.12
C GLY B 39 15.15 11.70 9.82
N PHE B 40 14.85 12.79 9.10
CA PHE B 40 14.03 13.90 9.59
C PHE B 40 13.06 14.27 8.48
N ASP B 41 11.74 14.19 8.73
CA ASP B 41 10.77 14.55 7.70
C ASP B 41 10.42 16.03 7.74
N PRO B 42 10.23 16.66 6.55
CA PRO B 42 9.84 18.07 6.51
C PRO B 42 8.33 18.25 6.67
N THR B 43 7.87 18.42 7.93
CA THR B 43 6.46 18.66 8.25
C THR B 43 6.30 20.12 8.69
N ALA B 44 7.42 20.85 8.77
CA ALA B 44 7.41 22.28 9.10
C ALA B 44 8.67 22.96 8.54
N ASP B 45 8.76 24.31 8.61
CA ASP B 45 9.93 25.08 8.16
C ASP B 45 11.11 25.01 9.15
N SER B 46 10.95 24.28 10.29
CA SER B 46 11.99 24.14 11.30
C SER B 46 11.86 22.84 12.10
N LEU B 47 12.98 22.38 12.67
CA LEU B 47 13.00 21.29 13.63
C LEU B 47 12.67 21.95 14.98
N HIS B 48 12.29 21.15 15.96
CA HIS B 48 12.04 21.62 17.32
C HIS B 48 12.88 20.77 18.30
N LEU B 49 12.75 20.97 19.63
CA LEU B 49 13.52 20.24 20.65
C LEU B 49 13.36 18.73 20.65
N GLY B 50 12.21 18.26 20.22
CA GLY B 50 11.93 16.83 20.07
C GLY B 50 12.90 16.17 19.12
N HIS B 51 13.26 16.87 18.04
CA HIS B 51 14.19 16.40 17.01
C HIS B 51 15.67 16.49 17.41
N LEU B 52 15.98 17.33 18.40
CA LEU B 52 17.35 17.55 18.84
C LEU B 52 18.03 16.30 19.46
N VAL B 53 17.34 15.52 20.28
CA VAL B 53 17.93 14.32 20.93
C VAL B 53 18.54 13.36 19.89
N PRO B 54 17.83 12.89 18.85
CA PRO B 54 18.48 11.97 17.90
C PRO B 54 19.51 12.70 17.06
N LEU B 55 19.28 13.99 16.76
CA LEU B 55 20.27 14.75 15.99
C LEU B 55 21.58 14.83 16.77
N LEU B 56 21.51 15.14 18.07
CA LEU B 56 22.72 15.19 18.88
C LEU B 56 23.33 13.80 19.05
N CYS B 57 22.52 12.73 18.97
CA CYS B 57 23.04 11.37 19.04
C CYS B 57 23.88 11.00 17.83
N LEU B 58 23.51 11.52 16.63
CA LEU B 58 24.34 11.36 15.43
C LEU B 58 25.71 11.94 15.72
N LYS B 59 25.77 13.10 16.39
CA LYS B 59 27.04 13.76 16.74
C LYS B 59 27.84 12.95 17.74
N ARG B 60 27.14 12.34 18.72
CA ARG B 60 27.79 11.52 19.74
C ARG B 60 28.47 10.32 19.06
N PHE B 61 27.80 9.67 18.06
CA PHE B 61 28.41 8.56 17.32
C PHE B 61 29.62 9.08 16.54
N GLN B 62 29.47 10.26 15.90
CA GLN B 62 30.57 10.87 15.15
C GLN B 62 31.79 11.20 16.02
N GLN B 63 31.55 11.67 17.26
CA GLN B 63 32.67 11.98 18.16
C GLN B 63 33.42 10.70 18.56
N ALA B 64 32.76 9.54 18.47
CA ALA B 64 33.37 8.22 18.73
C ALA B 64 34.02 7.65 17.41
N GLY B 65 34.06 8.45 16.35
CA GLY B 65 34.70 8.04 15.09
C GLY B 65 33.79 7.51 14.01
N HIS B 66 32.47 7.41 14.28
CA HIS B 66 31.53 6.90 13.29
C HIS B 66 31.09 7.97 12.29
N LYS B 67 30.51 7.56 11.16
CA LYS B 67 30.12 8.45 10.06
C LYS B 67 28.60 8.65 10.03
N PRO B 68 28.10 9.86 10.38
CA PRO B 68 26.66 10.09 10.39
C PRO B 68 26.11 10.54 9.06
N VAL B 69 24.96 9.97 8.67
CA VAL B 69 24.24 10.37 7.47
C VAL B 69 22.96 10.99 7.98
N ALA B 70 22.72 12.27 7.68
CA ALA B 70 21.51 12.96 8.11
C ALA B 70 20.58 13.00 6.91
N LEU B 71 19.55 12.16 6.90
CA LEU B 71 18.62 12.12 5.77
C LEU B 71 17.46 13.06 6.00
N VAL B 72 17.12 13.83 4.98
CA VAL B 72 15.92 14.68 5.07
C VAL B 72 14.90 14.03 4.09
N GLY B 73 13.68 13.80 4.59
CA GLY B 73 12.67 13.09 3.82
C GLY B 73 11.91 13.84 2.74
N GLY B 74 12.58 14.17 1.64
CA GLY B 74 11.94 14.83 0.51
C GLY B 74 10.78 14.03 -0.05
N ALA B 75 10.87 12.66 0.00
CA ALA B 75 9.80 11.81 -0.52
C ALA B 75 8.82 11.47 0.56
N THR B 76 9.35 11.05 1.73
CA THR B 76 8.51 10.64 2.86
C THR B 76 7.63 11.80 3.37
N GLY B 77 8.15 13.03 3.26
CA GLY B 77 7.43 14.26 3.60
C GLY B 77 6.23 14.51 2.70
N LEU B 78 6.20 13.84 1.53
CA LEU B 78 5.08 13.93 0.59
C LEU B 78 4.03 12.84 0.89
N ILE B 79 4.30 11.97 1.87
CA ILE B 79 3.47 10.81 2.24
C ILE B 79 2.89 10.96 3.65
N GLY B 80 3.76 11.28 4.63
CA GLY B 80 3.36 11.53 6.01
C GLY B 80 3.44 10.32 6.89
N ASP B 81 4.30 10.38 7.95
CA ASP B 81 4.50 9.29 8.89
C ASP B 81 3.33 9.22 9.85
N PRO B 82 2.57 8.09 9.93
CA PRO B 82 1.45 8.04 10.90
C PRO B 82 1.86 7.59 12.30
N SER B 83 3.12 7.16 12.47
CA SER B 83 3.64 6.53 13.70
C SER B 83 3.21 7.26 14.98
N PHE B 84 2.32 6.61 15.79
CA PHE B 84 1.80 7.14 17.07
C PHE B 84 1.11 8.51 16.93
N LYS B 85 0.57 8.79 15.73
CA LYS B 85 -0.18 10.02 15.49
C LYS B 85 -1.64 9.64 15.50
N ALA B 86 -2.42 10.35 16.31
CA ALA B 86 -3.83 10.06 16.48
C ALA B 86 -4.66 10.34 15.23
N ALA B 87 -4.25 11.32 14.41
CA ALA B 87 -5.02 11.69 13.24
C ALA B 87 -4.23 11.79 11.96
N GLU B 88 -4.93 11.47 10.86
CA GLU B 88 -4.50 11.56 9.48
C GLU B 88 -4.07 13.01 9.21
N ARG B 89 -2.93 13.20 8.60
CA ARG B 89 -2.47 14.53 8.27
C ARG B 89 -2.91 14.84 6.86
N LYS B 90 -3.15 16.13 6.57
CA LYS B 90 -3.47 16.58 5.21
C LYS B 90 -2.16 16.50 4.40
N LEU B 91 -2.23 16.18 3.10
CA LEU B 91 -1.02 16.11 2.28
C LEU B 91 -0.47 17.53 2.08
N ASN B 92 0.87 17.69 2.07
CA ASN B 92 1.46 18.99 1.77
C ASN B 92 1.82 19.02 0.27
N THR B 93 1.93 20.22 -0.32
CA THR B 93 2.28 20.38 -1.73
C THR B 93 3.77 20.10 -1.95
N GLU B 94 4.14 19.72 -3.18
CA GLU B 94 5.54 19.47 -3.54
C GLU B 94 6.41 20.73 -3.35
N GLU B 95 5.85 21.92 -3.69
CA GLU B 95 6.52 23.22 -3.55
C GLU B 95 6.87 23.54 -2.07
N THR B 96 5.89 23.39 -1.15
CA THR B 96 6.05 23.64 0.29
C THR B 96 7.03 22.64 0.90
N VAL B 97 6.87 21.35 0.58
CA VAL B 97 7.77 20.33 1.12
C VAL B 97 9.23 20.63 0.69
N GLN B 98 9.46 21.01 -0.57
CA GLN B 98 10.81 21.33 -1.03
C GLN B 98 11.40 22.52 -0.27
N GLU B 99 10.59 23.57 -0.02
CA GLU B 99 11.03 24.77 0.72
C GLU B 99 11.46 24.33 2.15
N TRP B 100 10.67 23.44 2.77
CA TRP B 100 10.94 22.89 4.09
C TRP B 100 12.18 21.97 4.09
N VAL B 101 12.38 21.21 3.01
CA VAL B 101 13.54 20.32 2.88
C VAL B 101 14.81 21.18 2.94
N ASP B 102 14.86 22.30 2.16
CA ASP B 102 16.04 23.16 2.15
C ASP B 102 16.31 23.78 3.50
N LYS B 103 15.25 24.24 4.21
CA LYS B 103 15.40 24.83 5.54
C LYS B 103 15.90 23.83 6.57
N ILE B 104 15.34 22.61 6.55
CA ILE B 104 15.74 21.58 7.53
C ILE B 104 17.17 21.13 7.27
N ARG B 105 17.53 20.87 6.00
CA ARG B 105 18.88 20.44 5.65
C ARG B 105 19.90 21.47 6.20
N LYS B 106 19.63 22.76 6.01
CA LYS B 106 20.49 23.86 6.46
C LYS B 106 20.52 23.99 7.97
N GLN B 107 19.41 23.65 8.63
CA GLN B 107 19.35 23.77 10.09
C GLN B 107 20.12 22.62 10.72
N VAL B 108 20.06 21.43 10.09
CA VAL B 108 20.74 20.24 10.62
C VAL B 108 22.26 20.36 10.49
N ALA B 109 22.74 20.81 9.32
CA ALA B 109 24.17 20.82 8.96
C ALA B 109 25.15 21.34 10.05
N PRO B 110 24.92 22.48 10.76
CA PRO B 110 25.94 22.92 11.76
C PRO B 110 26.11 22.01 12.96
N PHE B 111 25.18 21.09 13.19
CA PHE B 111 25.28 20.16 14.33
C PHE B 111 26.23 18.99 14.03
N LEU B 112 26.62 18.82 12.76
CA LEU B 112 27.52 17.72 12.35
C LEU B 112 28.75 18.23 11.69
N ASP B 113 29.82 17.42 11.74
CA ASP B 113 31.08 17.83 11.11
C ASP B 113 31.15 17.25 9.70
N PHE B 114 31.17 18.14 8.71
CA PHE B 114 31.24 17.73 7.29
C PHE B 114 32.68 17.82 6.79
N ASP B 115 33.65 18.00 7.72
CA ASP B 115 35.04 18.13 7.32
C ASP B 115 35.97 17.54 8.39
N CYS B 116 35.89 16.20 8.58
CA CYS B 116 36.74 15.53 9.57
C CYS B 116 37.25 14.19 9.04
N GLY B 117 37.58 14.16 7.74
CA GLY B 117 38.12 12.98 7.08
C GLY B 117 37.10 11.95 6.66
N GLU B 118 37.48 10.66 6.82
CA GLU B 118 36.67 9.50 6.43
C GLU B 118 35.27 9.51 7.06
N ASN B 119 35.14 9.93 8.33
CA ASN B 119 33.85 9.90 9.00
C ASN B 119 33.09 11.24 8.90
N SER B 120 33.41 12.07 7.89
CA SER B 120 32.68 13.32 7.64
C SER B 120 31.20 13.00 7.43
N ALA B 121 30.33 13.88 7.91
CA ALA B 121 28.88 13.68 7.78
C ALA B 121 28.44 13.75 6.33
N ILE B 122 27.27 13.15 6.03
CA ILE B 122 26.68 13.14 4.67
C ILE B 122 25.22 13.58 4.79
N ALA B 123 24.79 14.47 3.87
CA ALA B 123 23.40 14.92 3.82
C ALA B 123 22.75 14.07 2.75
N ALA B 124 21.61 13.45 3.08
CA ALA B 124 20.92 12.59 2.09
C ALA B 124 19.49 13.01 1.94
N ASN B 125 18.84 12.65 0.81
CA ASN B 125 17.44 12.94 0.56
C ASN B 125 16.80 11.74 -0.13
N ASN B 126 15.77 11.14 0.47
CA ASN B 126 15.12 9.95 -0.13
C ASN B 126 14.31 10.25 -1.40
N TYR B 127 14.15 11.53 -1.82
CA TYR B 127 13.48 11.83 -3.09
C TYR B 127 14.35 11.30 -4.23
N ASP B 128 15.70 11.27 -4.02
CA ASP B 128 16.66 10.78 -5.03
C ASP B 128 16.27 9.42 -5.60
N TRP B 129 15.77 8.49 -4.75
CA TRP B 129 15.38 7.17 -5.22
C TRP B 129 13.87 6.97 -5.35
N PHE B 130 13.05 7.79 -4.70
CA PHE B 130 11.62 7.61 -4.85
C PHE B 130 11.00 8.41 -5.99
N GLY B 131 11.60 9.57 -6.30
CA GLY B 131 11.14 10.45 -7.38
C GLY B 131 11.14 9.82 -8.76
N ASN B 132 11.94 8.76 -8.97
CA ASN B 132 12.02 8.05 -10.26
C ASN B 132 11.64 6.55 -10.13
N MET B 133 10.99 6.16 -9.04
CA MET B 133 10.57 4.77 -8.86
C MET B 133 9.13 4.55 -9.36
N ASN B 134 8.97 3.54 -10.22
CA ASN B 134 7.66 3.15 -10.78
C ASN B 134 6.83 2.45 -9.70
N VAL B 135 5.51 2.61 -9.70
CA VAL B 135 4.61 1.98 -8.72
C VAL B 135 4.67 0.39 -8.73
N LEU B 136 4.71 -0.26 -9.91
CA LEU B 136 4.75 -1.73 -10.00
C LEU B 136 6.06 -2.25 -9.44
N THR B 137 7.16 -1.52 -9.68
CA THR B 137 8.48 -1.86 -9.12
C THR B 137 8.40 -1.82 -7.58
N PHE B 138 7.83 -0.75 -7.01
CA PHE B 138 7.65 -0.59 -5.57
C PHE B 138 6.77 -1.71 -4.97
N LEU B 139 5.61 -1.96 -5.57
CA LEU B 139 4.67 -2.97 -5.05
C LEU B 139 5.26 -4.37 -5.12
N ARG B 140 5.97 -4.69 -6.18
CA ARG B 140 6.54 -6.02 -6.36
C ARG B 140 7.85 -6.20 -5.57
N ASP B 141 8.87 -5.39 -5.89
CA ASP B 141 10.21 -5.55 -5.30
C ASP B 141 10.26 -5.24 -3.82
N ILE B 142 9.42 -4.33 -3.35
CA ILE B 142 9.43 -3.97 -1.93
C ILE B 142 8.25 -4.56 -1.19
N GLY B 143 7.05 -4.35 -1.74
CA GLY B 143 5.78 -4.74 -1.15
C GLY B 143 5.60 -6.21 -0.88
N LYS B 144 6.16 -7.07 -1.74
CA LYS B 144 5.99 -8.54 -1.57
C LYS B 144 6.60 -9.04 -0.26
N HIS B 145 7.58 -8.30 0.29
CA HIS B 145 8.27 -8.65 1.53
C HIS B 145 7.55 -8.17 2.77
N PHE B 146 6.38 -7.51 2.63
CA PHE B 146 5.64 -6.98 3.77
C PHE B 146 4.33 -7.69 3.95
N SER B 147 4.08 -8.19 5.17
CA SER B 147 2.86 -8.89 5.55
C SER B 147 1.87 -7.86 6.10
N VAL B 148 0.68 -7.76 5.47
CA VAL B 148 -0.34 -6.82 5.96
C VAL B 148 -0.76 -7.21 7.37
N ASN B 149 -0.85 -8.52 7.63
CA ASN B 149 -1.18 -9.12 8.94
C ASN B 149 -0.25 -8.55 10.03
N GLN B 150 1.06 -8.50 9.77
CA GLN B 150 2.02 -7.92 10.72
C GLN B 150 1.89 -6.41 10.78
N MET B 151 1.77 -5.74 9.61
CA MET B 151 1.64 -4.29 9.48
C MET B 151 0.48 -3.68 10.27
N ILE B 152 -0.72 -4.28 10.20
CA ILE B 152 -1.90 -3.78 10.91
C ILE B 152 -1.78 -3.97 12.43
N ASN B 153 -0.85 -4.84 12.86
CA ASN B 153 -0.61 -5.13 14.28
C ASN B 153 0.53 -4.32 14.89
N LYS B 154 1.27 -3.52 14.09
CA LYS B 154 2.35 -2.69 14.64
C LYS B 154 1.73 -1.62 15.58
N GLU B 155 2.33 -1.43 16.79
CA GLU B 155 1.91 -0.49 17.83
C GLU B 155 1.75 0.94 17.27
N ALA B 156 2.63 1.35 16.34
CA ALA B 156 2.61 2.68 15.74
C ALA B 156 1.32 3.05 15.00
N VAL B 157 0.57 2.04 14.45
CA VAL B 157 -0.66 2.26 13.66
C VAL B 157 -1.90 1.46 14.12
N LYS B 158 -1.74 0.51 15.08
CA LYS B 158 -2.85 -0.35 15.57
C LYS B 158 -4.07 0.47 16.05
N GLN B 159 -3.82 1.56 16.79
CA GLN B 159 -4.90 2.40 17.32
C GLN B 159 -5.74 3.06 16.22
N ARG B 160 -5.12 3.36 15.08
CA ARG B 160 -5.77 3.98 13.92
C ARG B 160 -6.78 3.05 13.23
N LEU B 161 -6.70 1.74 13.49
CA LEU B 161 -7.59 0.76 12.88
C LEU B 161 -8.77 0.36 13.80
N ASN B 162 -8.97 1.11 14.91
CA ASN B 162 -10.09 0.88 15.83
C ASN B 162 -11.41 1.45 15.26
N ARG B 163 -11.39 2.72 14.78
CA ARG B 163 -12.57 3.42 14.23
C ARG B 163 -12.28 4.05 12.86
N GLU B 164 -13.18 3.80 11.88
CA GLU B 164 -13.08 4.31 10.50
C GLU B 164 -13.01 5.85 10.44
N ASP B 165 -13.82 6.53 11.29
CA ASP B 165 -13.90 7.98 11.41
C ASP B 165 -12.55 8.62 11.80
N GLN B 166 -11.70 7.85 12.53
CA GLN B 166 -10.38 8.25 13.00
C GLN B 166 -9.32 7.22 12.48
N GLY B 167 -9.47 6.85 11.20
CA GLY B 167 -8.69 5.82 10.53
C GLY B 167 -7.38 6.22 9.88
N ILE B 168 -6.91 5.37 8.96
CA ILE B 168 -5.65 5.63 8.27
C ILE B 168 -5.79 5.38 6.77
N SER B 169 -5.24 6.31 5.97
CA SER B 169 -5.25 6.19 4.50
C SER B 169 -4.23 5.16 4.06
N PHE B 170 -4.38 4.64 2.84
CA PHE B 170 -3.41 3.72 2.26
C PHE B 170 -2.07 4.47 2.12
N THR B 171 -2.10 5.80 1.85
CA THR B 171 -0.89 6.66 1.72
C THR B 171 -0.05 6.54 2.99
N GLU B 172 -0.65 6.81 4.15
CA GLU B 172 0.10 6.80 5.42
C GLU B 172 0.45 5.38 5.83
N PHE B 173 -0.42 4.41 5.49
CA PHE B 173 -0.15 3.00 5.77
C PHE B 173 1.06 2.48 4.99
N SER B 174 1.34 3.08 3.84
CA SER B 174 2.48 2.65 3.00
C SER B 174 3.81 3.23 3.48
N TYR B 175 3.76 4.25 4.34
CA TYR B 175 4.97 4.96 4.81
C TYR B 175 6.06 4.03 5.32
N ASN B 176 5.67 3.05 6.15
CA ASN B 176 6.57 2.05 6.74
C ASN B 176 7.49 1.42 5.67
N LEU B 177 6.95 1.18 4.46
CA LEU B 177 7.72 0.58 3.36
C LEU B 177 8.76 1.52 2.80
N LEU B 178 8.41 2.80 2.73
CA LEU B 178 9.32 3.80 2.19
C LEU B 178 10.55 3.95 3.08
N GLN B 179 10.33 4.11 4.39
CA GLN B 179 11.45 4.23 5.34
C GLN B 179 12.25 2.94 5.39
N GLY B 180 11.56 1.79 5.26
CA GLY B 180 12.19 0.48 5.17
C GLY B 180 13.18 0.44 4.03
N TYR B 181 12.73 0.87 2.85
CA TYR B 181 13.58 0.86 1.67
C TYR B 181 14.72 1.84 1.74
N ASP B 182 14.53 2.98 2.45
CA ASP B 182 15.61 3.95 2.62
C ASP B 182 16.79 3.30 3.31
N PHE B 183 16.56 2.49 4.35
CA PHE B 183 17.65 1.83 5.08
C PHE B 183 18.42 0.90 4.09
N ALA B 184 17.70 0.17 3.22
CA ALA B 184 18.34 -0.71 2.24
C ALA B 184 19.17 0.13 1.26
N CYS B 185 18.64 1.28 0.82
CA CYS B 185 19.36 2.19 -0.09
C CYS B 185 20.62 2.75 0.48
N LEU B 186 20.56 3.19 1.75
CA LEU B 186 21.74 3.79 2.40
C LEU B 186 22.78 2.74 2.72
N ASN B 187 22.32 1.50 3.00
CA ASN B 187 23.24 0.38 3.23
C ASN B 187 23.99 0.15 1.93
N LYS B 188 23.27 0.08 0.80
CA LYS B 188 23.89 -0.15 -0.51
C LYS B 188 24.80 1.01 -0.96
N GLN B 189 24.35 2.26 -0.78
CA GLN B 189 25.09 3.42 -1.26
C GLN B 189 26.33 3.80 -0.41
N TYR B 190 26.21 3.76 0.91
CA TYR B 190 27.25 4.22 1.82
C TYR B 190 27.70 3.20 2.86
N GLY B 191 27.18 1.97 2.81
CA GLY B 191 27.54 0.94 3.76
C GLY B 191 26.97 1.24 5.13
N VAL B 192 25.85 1.99 5.18
CA VAL B 192 25.14 2.31 6.42
C VAL B 192 24.64 1.00 7.05
N VAL B 193 25.01 0.74 8.29
CA VAL B 193 24.63 -0.50 8.98
C VAL B 193 23.83 -0.24 10.25
N LEU B 194 23.57 1.03 10.57
CA LEU B 194 22.80 1.37 11.76
C LEU B 194 21.88 2.49 11.49
N GLN B 195 20.64 2.38 11.97
CA GLN B 195 19.71 3.49 11.90
C GLN B 195 19.29 3.81 13.31
N ILE B 196 19.25 5.11 13.64
CA ILE B 196 18.81 5.53 14.97
C ILE B 196 17.60 6.43 14.82
N GLY B 197 16.85 6.63 15.90
CA GLY B 197 15.72 7.56 15.92
C GLY B 197 15.07 7.53 17.28
N GLY B 198 14.03 8.32 17.48
CA GLY B 198 13.25 8.24 18.72
C GLY B 198 12.48 6.93 18.75
N SER B 199 11.97 6.53 19.94
CA SER B 199 11.33 5.22 20.09
C SER B 199 10.08 5.00 19.23
N ASP B 200 9.43 6.08 18.78
CA ASP B 200 8.24 5.98 17.89
C ASP B 200 8.65 5.41 16.54
N GLN B 201 9.95 5.49 16.20
CA GLN B 201 10.46 4.98 14.94
C GLN B 201 10.84 3.50 14.93
N TRP B 202 10.75 2.79 16.05
CA TRP B 202 11.18 1.40 16.14
C TRP B 202 10.68 0.51 14.97
N GLY B 203 9.39 0.51 14.70
CA GLY B 203 8.78 -0.31 13.65
C GLY B 203 9.23 0.07 12.26
N ASN B 204 9.44 1.37 12.00
CA ASN B 204 9.91 1.86 10.70
C ASN B 204 11.37 1.39 10.50
N ILE B 205 12.16 1.43 11.60
CA ILE B 205 13.55 0.94 11.63
C ILE B 205 13.64 -0.57 11.41
N THR B 206 12.91 -1.36 12.21
CA THR B 206 12.96 -2.81 12.07
C THR B 206 12.49 -3.32 10.67
N SER B 207 11.53 -2.63 10.02
CA SER B 207 11.11 -2.98 8.65
C SER B 207 12.30 -2.78 7.68
N GLY B 208 13.12 -1.76 7.92
CA GLY B 208 14.33 -1.48 7.15
C GLY B 208 15.42 -2.52 7.36
N ILE B 209 15.58 -3.00 8.61
CA ILE B 209 16.52 -4.08 8.93
C ILE B 209 16.10 -5.34 8.14
N ASP B 210 14.82 -5.74 8.25
CA ASP B 210 14.28 -6.93 7.60
C ASP B 210 14.38 -6.80 6.07
N LEU B 211 14.01 -5.64 5.50
CA LEU B 211 14.10 -5.44 4.04
C LEU B 211 15.55 -5.44 3.53
N THR B 212 16.51 -4.89 4.32
CA THR B 212 17.94 -4.89 3.92
C THR B 212 18.43 -6.32 3.82
N ARG B 213 17.98 -7.21 4.76
CA ARG B 213 18.31 -8.64 4.70
C ARG B 213 17.79 -9.23 3.41
N ARG B 214 16.53 -8.97 3.08
CA ARG B 214 15.85 -9.54 1.92
C ARG B 214 16.40 -9.05 0.60
N LEU B 215 16.73 -7.76 0.50
CA LEU B 215 17.18 -7.14 -0.75
C LEU B 215 18.68 -7.22 -0.94
N HIS B 216 19.47 -6.92 0.09
CA HIS B 216 20.94 -6.86 -0.07
C HIS B 216 21.69 -7.95 0.66
N GLN B 217 20.96 -8.83 1.37
CA GLN B 217 21.57 -9.97 2.09
C GLN B 217 22.61 -9.49 3.10
N ASN B 218 22.32 -8.33 3.75
CA ASN B 218 23.17 -7.72 4.75
C ASN B 218 22.51 -7.56 6.09
N GLN B 219 23.32 -7.71 7.14
CA GLN B 219 22.91 -7.56 8.52
C GLN B 219 23.14 -6.11 8.94
N VAL B 220 22.04 -5.46 9.31
CA VAL B 220 22.04 -4.08 9.77
C VAL B 220 21.30 -3.98 11.12
N PHE B 221 21.49 -2.86 11.84
CA PHE B 221 21.02 -2.71 13.21
C PHE B 221 20.19 -1.47 13.40
N GLY B 222 19.47 -1.46 14.50
CA GLY B 222 18.62 -0.34 14.88
C GLY B 222 18.86 0.01 16.33
N LEU B 223 18.77 1.29 16.67
CA LEU B 223 18.93 1.75 18.06
C LEU B 223 17.98 2.92 18.24
N THR B 224 17.14 2.92 19.26
CA THR B 224 16.28 4.09 19.47
C THR B 224 16.63 4.83 20.74
N VAL B 225 16.29 6.12 20.73
CA VAL B 225 16.51 7.03 21.86
C VAL B 225 15.13 7.20 22.50
N PRO B 226 15.03 7.35 23.82
CA PRO B 226 13.69 7.44 24.41
C PRO B 226 13.04 8.76 24.04
N LEU B 227 11.69 8.78 24.02
CA LEU B 227 10.96 10.02 23.83
C LEU B 227 10.99 10.67 25.21
N ILE B 228 11.14 11.99 25.27
CA ILE B 228 11.25 12.67 26.56
C ILE B 228 9.92 12.85 27.22
N THR B 229 9.90 12.47 28.49
CA THR B 229 8.79 12.57 29.41
C THR B 229 9.32 13.38 30.57
N LYS B 230 8.44 14.07 31.26
CA LYS B 230 8.81 14.83 32.45
C LYS B 230 8.41 13.98 33.63
N ALA B 231 9.08 14.17 34.80
CA ALA B 231 8.76 13.42 36.03
C ALA B 231 7.32 13.58 36.49
N ASP B 232 6.71 14.78 36.29
CA ASP B 232 5.32 15.09 36.67
C ASP B 232 4.28 14.38 35.78
N GLY B 233 4.69 13.94 34.58
CA GLY B 233 3.84 13.24 33.62
C GLY B 233 3.40 14.06 32.42
N THR B 234 3.46 15.41 32.53
CA THR B 234 3.08 16.40 31.51
C THR B 234 3.94 16.24 30.22
N LYS B 235 3.42 16.75 29.07
CA LYS B 235 4.10 16.73 27.77
C LYS B 235 5.35 17.64 27.79
N PHE B 236 6.47 17.19 27.16
CA PHE B 236 7.78 17.89 27.15
C PHE B 236 7.75 19.35 26.62
N GLY B 237 7.19 19.57 25.43
CA GLY B 237 7.13 20.91 24.84
C GLY B 237 5.97 21.72 25.38
N LYS B 238 6.24 22.98 25.78
CA LYS B 238 5.25 23.92 26.31
C LYS B 238 5.62 25.37 26.02
N ALA B 243 5.31 24.25 20.91
CA ALA B 243 6.60 23.65 20.58
C ALA B 243 7.74 24.64 20.77
N VAL B 244 8.93 24.14 21.04
CA VAL B 244 10.12 24.98 21.21
C VAL B 244 10.96 24.77 19.97
N TRP B 245 10.84 25.69 19.02
CA TRP B 245 11.51 25.59 17.72
C TRP B 245 12.97 25.94 17.79
N LEU B 246 13.79 25.37 16.87
CA LEU B 246 15.21 25.68 16.79
C LEU B 246 15.42 27.03 16.06
N ASP B 247 14.48 27.40 15.19
CA ASP B 247 14.52 28.61 14.39
C ASP B 247 14.25 29.86 15.28
N PRO B 248 15.18 30.86 15.36
CA PRO B 248 14.95 32.04 16.24
C PRO B 248 13.75 32.91 15.85
N LYS B 249 13.32 32.85 14.58
CA LYS B 249 12.16 33.62 14.12
C LYS B 249 10.85 32.95 14.57
N LYS B 250 10.94 31.73 15.13
CA LYS B 250 9.79 30.96 15.62
C LYS B 250 9.79 30.89 17.16
N THR B 251 10.98 30.68 17.76
CA THR B 251 11.16 30.68 19.21
C THR B 251 12.40 31.49 19.44
N SER B 252 12.26 32.68 20.02
CA SER B 252 13.44 33.52 20.24
C SER B 252 14.49 32.88 21.17
N PRO B 253 15.78 33.19 20.97
CA PRO B 253 16.82 32.73 21.93
C PRO B 253 16.43 32.99 23.39
N TYR B 254 15.78 34.16 23.70
CA TYR B 254 15.36 34.48 25.07
C TYR B 254 14.34 33.43 25.58
N LYS B 255 13.27 33.21 24.82
CA LYS B 255 12.24 32.22 25.20
C LYS B 255 12.88 30.81 25.33
N PHE B 256 13.79 30.49 24.41
CA PHE B 256 14.49 29.18 24.38
C PHE B 256 15.28 28.99 25.69
N TYR B 257 16.09 29.98 26.02
CA TYR B 257 16.89 30.01 27.24
C TYR B 257 16.00 29.94 28.48
N GLN B 258 14.91 30.75 28.54
CA GLN B 258 13.96 30.72 29.65
C GLN B 258 13.29 29.37 29.84
N PHE B 259 12.98 28.65 28.75
CA PHE B 259 12.38 27.32 28.79
C PHE B 259 13.30 26.36 29.57
N TRP B 260 14.61 26.41 29.32
CA TRP B 260 15.59 25.56 30.01
C TRP B 260 15.81 26.02 31.46
N ILE B 261 15.74 27.34 31.72
CA ILE B 261 15.90 27.90 33.06
C ILE B 261 14.81 27.33 33.96
N ASN B 262 13.60 27.19 33.42
CA ASN B 262 12.43 26.75 34.16
C ASN B 262 12.23 25.22 34.23
N THR B 263 13.26 24.42 33.86
CA THR B 263 13.22 22.96 33.94
C THR B 263 12.97 22.53 35.39
N ALA B 264 12.12 21.51 35.60
CA ALA B 264 11.86 20.98 36.95
C ALA B 264 13.13 20.29 37.52
N ASP B 265 13.29 20.26 38.84
CA ASP B 265 14.43 19.63 39.54
C ASP B 265 14.55 18.13 39.21
N ALA B 266 13.41 17.44 39.07
CA ALA B 266 13.37 16.00 38.76
C ALA B 266 13.82 15.68 37.32
N ASP B 267 13.81 16.66 36.41
CA ASP B 267 14.19 16.50 34.98
C ASP B 267 15.57 17.09 34.61
N VAL B 268 16.12 18.01 35.43
CA VAL B 268 17.32 18.76 35.03
C VAL B 268 18.56 17.87 34.72
N TYR B 269 18.90 16.87 35.54
CA TYR B 269 20.09 16.02 35.29
C TYR B 269 19.92 15.11 34.06
N ARG B 270 18.73 14.56 33.86
CA ARG B 270 18.39 13.75 32.68
C ARG B 270 18.49 14.62 31.43
N PHE B 271 18.01 15.89 31.52
CA PHE B 271 18.05 16.80 30.39
C PHE B 271 19.45 17.22 30.06
N LEU B 272 20.31 17.34 31.08
CA LEU B 272 21.72 17.63 30.83
C LEU B 272 22.33 16.48 30.04
N LYS B 273 21.98 15.24 30.40
CA LYS B 273 22.49 14.04 29.70
C LYS B 273 22.01 13.95 28.26
N PHE B 274 20.76 14.32 28.02
CA PHE B 274 20.14 14.23 26.71
C PHE B 274 20.53 15.33 25.75
N PHE B 275 20.62 16.58 26.26
CA PHE B 275 20.76 17.77 25.44
C PHE B 275 22.11 18.41 25.40
N THR B 276 23.10 17.92 26.16
CA THR B 276 24.43 18.57 26.19
C THR B 276 25.53 17.57 25.92
N PHE B 277 26.74 18.06 25.70
CA PHE B 277 27.93 17.23 25.50
C PHE B 277 28.80 17.23 26.74
N MET B 278 28.22 17.64 27.90
CA MET B 278 28.93 17.60 29.19
C MET B 278 29.16 16.13 29.48
N SER B 279 30.35 15.79 30.07
CA SER B 279 30.66 14.41 30.39
C SER B 279 29.70 13.92 31.47
N ILE B 280 29.50 12.61 31.56
CA ILE B 280 28.67 12.03 32.60
C ILE B 280 29.21 12.37 34.03
N GLU B 281 30.54 12.38 34.19
CA GLU B 281 31.26 12.72 35.43
C GLU B 281 30.95 14.16 35.88
N GLU B 282 30.95 15.11 34.93
CA GLU B 282 30.64 16.49 35.27
C GLU B 282 29.16 16.63 35.68
N ILE B 283 28.24 15.99 34.95
CA ILE B 283 26.82 16.04 35.29
C ILE B 283 26.58 15.41 36.69
N ASN B 284 27.21 14.24 36.97
CA ASN B 284 27.11 13.61 38.27
C ASN B 284 27.67 14.51 39.38
N ALA B 285 28.79 15.24 39.12
CA ALA B 285 29.38 16.18 40.08
C ALA B 285 28.42 17.36 40.28
N LEU B 286 27.75 17.83 39.23
CA LEU B 286 26.78 18.92 39.34
C LEU B 286 25.61 18.47 40.23
N GLU B 287 25.04 17.25 39.97
CA GLU B 287 23.96 16.68 40.79
C GLU B 287 24.39 16.53 42.25
N GLU B 288 25.63 16.07 42.48
CA GLU B 288 26.19 15.91 43.82
C GLU B 288 26.37 17.25 44.52
N GLU B 289 26.83 18.27 43.78
CA GLU B 289 26.96 19.63 44.31
C GLU B 289 25.58 20.15 44.74
N ASP B 290 24.54 19.97 43.89
CA ASP B 290 23.19 20.42 44.20
C ASP B 290 22.59 19.68 45.38
N LYS B 291 22.99 18.40 45.56
CA LYS B 291 22.56 17.52 46.64
C LYS B 291 23.08 17.95 48.03
N ASN B 292 24.34 18.42 48.10
CA ASN B 292 25.00 18.80 49.37
C ASN B 292 25.35 20.30 49.51
N SER B 293 24.77 21.18 48.68
CA SER B 293 25.06 22.62 48.76
C SER B 293 24.37 23.30 49.95
N GLY B 294 23.16 22.85 50.24
CA GLY B 294 22.29 23.42 51.26
C GLY B 294 21.44 24.53 50.67
N LYS B 295 21.54 24.72 49.34
CA LYS B 295 20.80 25.73 48.58
C LYS B 295 19.97 25.05 47.51
N ALA B 296 19.19 25.83 46.72
CA ALA B 296 18.38 25.32 45.63
C ALA B 296 19.33 24.89 44.48
N PRO B 297 18.90 24.08 43.48
CA PRO B 297 19.86 23.67 42.42
C PRO B 297 20.36 24.77 41.51
N ARG B 298 21.60 24.64 41.01
CA ARG B 298 22.14 25.59 40.03
C ARG B 298 22.20 24.94 38.61
N ALA B 299 21.84 23.64 38.52
CA ALA B 299 21.92 22.88 37.27
C ALA B 299 21.10 23.48 36.13
N GLN B 300 19.96 24.12 36.43
CA GLN B 300 19.11 24.74 35.39
C GLN B 300 19.85 25.83 34.63
N TYR B 301 20.68 26.61 35.35
CA TYR B 301 21.50 27.68 34.77
C TYR B 301 22.54 27.10 33.81
N VAL B 302 23.14 25.97 34.21
CA VAL B 302 24.14 25.25 33.40
C VAL B 302 23.46 24.67 32.15
N LEU B 303 22.29 24.03 32.32
CA LEU B 303 21.52 23.47 31.20
C LEU B 303 21.11 24.55 30.20
N ALA B 304 20.55 25.68 30.69
CA ALA B 304 20.15 26.80 29.83
C ALA B 304 21.34 27.35 29.03
N GLU B 305 22.48 27.60 29.67
CA GLU B 305 23.70 28.09 29.03
C GLU B 305 24.15 27.14 27.91
N GLN B 306 24.27 25.83 28.23
CA GLN B 306 24.75 24.80 27.30
C GLN B 306 23.91 24.68 26.04
N VAL B 307 22.61 24.50 26.18
CA VAL B 307 21.74 24.25 25.02
C VAL B 307 21.54 25.51 24.21
N THR B 308 21.44 26.68 24.89
CA THR B 308 21.28 27.97 24.18
C THR B 308 22.52 28.27 23.35
N ARG B 309 23.71 28.02 23.91
CA ARG B 309 24.93 28.22 23.16
C ARG B 309 25.02 27.25 21.99
N LEU B 310 24.65 26.00 22.21
CA LEU B 310 24.66 24.99 21.17
C LEU B 310 23.76 25.36 19.98
N VAL B 311 22.51 25.71 20.26
CA VAL B 311 21.52 26.01 19.23
C VAL B 311 21.67 27.43 18.61
N HIS B 312 21.81 28.45 19.46
CA HIS B 312 21.83 29.87 19.03
C HIS B 312 23.19 30.57 19.11
N GLY B 313 24.23 29.83 19.49
CA GLY B 313 25.58 30.38 19.56
C GLY B 313 25.83 31.27 20.75
N GLU B 314 27.07 31.76 20.88
CA GLU B 314 27.48 32.65 21.97
C GLU B 314 26.66 33.96 21.92
N GLU B 315 26.40 34.48 20.69
CA GLU B 315 25.64 35.72 20.50
C GLU B 315 24.20 35.53 21.03
N GLY B 316 23.58 34.40 20.70
CA GLY B 316 22.22 34.08 21.15
C GLY B 316 22.13 33.93 22.65
N LEU B 317 23.12 33.28 23.25
CA LEU B 317 23.20 33.06 24.69
C LEU B 317 23.36 34.42 25.40
N GLN B 318 24.24 35.29 24.88
CA GLN B 318 24.45 36.59 25.51
C GLN B 318 23.19 37.46 25.41
N ALA B 319 22.46 37.40 24.27
CA ALA B 319 21.19 38.13 24.09
C ALA B 319 20.13 37.62 25.07
N ALA B 320 20.04 36.28 25.28
CA ALA B 320 19.09 35.66 26.23
C ALA B 320 19.36 36.08 27.66
N LYS B 321 20.65 36.09 28.09
CA LYS B 321 21.07 36.52 29.44
C LYS B 321 20.87 38.03 29.67
N ARG B 322 21.16 38.85 28.63
CA ARG B 322 21.04 40.32 28.71
C ARG B 322 19.55 40.70 28.86
N ILE B 323 18.66 40.07 28.08
CA ILE B 323 17.22 40.30 28.20
C ILE B 323 16.73 39.86 29.59
N THR B 324 17.12 38.63 30.04
CA THR B 324 16.77 38.09 31.36
C THR B 324 17.22 39.09 32.47
N GLU B 325 18.49 39.54 32.42
CA GLU B 325 19.07 40.49 33.38
C GLU B 325 18.33 41.83 33.39
N CYS B 326 18.02 42.39 32.21
CA CYS B 326 17.30 43.68 32.13
C CYS B 326 15.88 43.59 32.67
N LEU B 327 15.14 42.51 32.30
CA LEU B 327 13.76 42.28 32.76
C LEU B 327 13.73 42.15 34.28
N PHE B 328 14.72 41.45 34.85
CA PHE B 328 14.83 41.24 36.29
C PHE B 328 15.19 42.52 37.06
N SER B 329 16.28 43.20 36.64
CA SER B 329 16.82 44.40 37.25
C SER B 329 15.91 45.62 37.14
N GLY B 330 15.16 45.70 36.04
CA GLY B 330 14.29 46.82 35.72
C GLY B 330 14.95 47.78 34.73
N SER B 331 16.29 47.88 34.77
CA SER B 331 17.06 48.76 33.88
C SER B 331 17.09 48.17 32.46
N LEU B 332 16.47 48.88 31.53
CA LEU B 332 16.34 48.49 30.12
C LEU B 332 17.34 49.16 29.16
N SER B 333 18.20 50.08 29.66
CA SER B 333 19.20 50.80 28.83
C SER B 333 20.15 49.86 28.07
N ALA B 334 20.47 48.69 28.65
CA ALA B 334 21.35 47.72 27.98
C ALA B 334 20.65 46.96 26.85
N LEU B 335 19.33 47.11 26.68
CA LEU B 335 18.62 46.41 25.60
C LEU B 335 18.76 47.09 24.26
N SER B 336 18.96 46.30 23.19
CA SER B 336 19.01 46.81 21.82
C SER B 336 17.59 46.75 21.26
N GLU B 337 17.38 47.25 20.02
CA GLU B 337 16.10 47.18 19.31
C GLU B 337 15.77 45.70 19.01
N ALA B 338 16.80 44.91 18.61
CA ALA B 338 16.68 43.47 18.31
C ALA B 338 16.22 42.74 19.55
N ASP B 339 16.74 43.11 20.77
CA ASP B 339 16.35 42.52 22.05
C ASP B 339 14.87 42.72 22.33
N PHE B 340 14.38 43.96 22.08
CA PHE B 340 12.96 44.29 22.24
C PHE B 340 12.12 43.51 21.24
N GLU B 341 12.67 43.22 20.04
CA GLU B 341 11.97 42.45 19.02
C GLU B 341 11.78 40.98 19.45
N GLN B 342 12.69 40.45 20.29
CA GLN B 342 12.57 39.09 20.83
C GLN B 342 11.40 39.10 21.84
N LEU B 343 11.39 40.10 22.73
CA LEU B 343 10.37 40.36 23.74
C LEU B 343 8.97 40.48 23.11
N ALA B 344 8.85 41.27 22.03
CA ALA B 344 7.58 41.44 21.34
C ALA B 344 7.15 40.15 20.66
N GLN B 345 8.10 39.39 20.06
CA GLN B 345 7.80 38.12 19.39
C GLN B 345 7.13 37.10 20.32
N ASP B 346 7.75 36.81 21.48
CA ASP B 346 7.28 35.76 22.38
C ASP B 346 7.84 35.83 23.81
N GLY B 347 8.60 36.87 24.13
CA GLY B 347 9.27 36.99 25.43
C GLY B 347 8.36 37.32 26.60
N VAL B 348 7.54 38.33 26.42
CA VAL B 348 6.57 38.78 27.44
C VAL B 348 5.27 39.05 26.73
N PRO B 349 4.09 39.10 27.41
CA PRO B 349 2.85 39.51 26.72
C PRO B 349 3.06 40.92 26.16
N MET B 350 2.47 41.20 25.00
CA MET B 350 2.61 42.51 24.37
C MET B 350 1.28 43.07 23.88
N VAL B 351 1.23 44.40 23.75
CA VAL B 351 0.09 45.14 23.18
C VAL B 351 0.59 46.25 22.28
N GLU B 352 -0.14 46.51 21.20
CA GLU B 352 0.08 47.63 20.29
C GLU B 352 -0.83 48.77 20.73
N MET B 353 -0.26 49.98 20.88
CA MET B 353 -1.01 51.15 21.33
C MET B 353 -0.60 52.38 20.57
N GLU B 354 -1.58 53.30 20.32
CA GLU B 354 -1.34 54.56 19.67
C GLU B 354 -0.66 55.48 20.73
N LYS B 355 0.42 56.20 20.32
CA LYS B 355 1.12 57.15 21.19
C LYS B 355 0.14 58.23 21.66
N GLY B 356 0.23 58.60 22.93
CA GLY B 356 -0.64 59.60 23.55
C GLY B 356 -1.57 58.98 24.57
N ALA B 357 -1.53 57.63 24.68
CA ALA B 357 -2.33 56.90 25.66
C ALA B 357 -1.78 57.20 27.06
N ASP B 358 -2.66 57.47 28.05
CA ASP B 358 -2.14 57.68 29.40
C ASP B 358 -1.79 56.36 30.04
N LEU B 359 -1.09 56.44 31.18
CA LEU B 359 -0.66 55.26 31.92
C LEU B 359 -1.87 54.41 32.30
N MET B 360 -3.00 55.04 32.72
CA MET B 360 -4.24 54.36 33.12
C MET B 360 -4.79 53.48 31.98
N GLN B 361 -4.86 54.02 30.76
CA GLN B 361 -5.37 53.29 29.60
C GLN B 361 -4.37 52.24 29.12
N ALA B 362 -3.07 52.43 29.41
CA ALA B 362 -2.08 51.44 29.02
C ALA B 362 -2.30 50.19 29.87
N LEU B 363 -2.53 50.39 31.19
CA LEU B 363 -2.83 49.33 32.15
C LEU B 363 -4.10 48.54 31.82
N VAL B 364 -5.15 49.21 31.33
CA VAL B 364 -6.43 48.58 30.95
C VAL B 364 -6.26 47.74 29.66
N ASP B 365 -5.75 48.37 28.59
CA ASP B 365 -5.50 47.76 27.27
C ASP B 365 -4.50 46.60 27.33
N SER B 366 -3.48 46.71 28.20
CA SER B 366 -2.47 45.66 28.43
C SER B 366 -3.05 44.51 29.26
N GLU B 367 -4.27 44.67 29.82
CA GLU B 367 -4.99 43.70 30.68
C GLU B 367 -4.31 43.54 32.05
N LEU B 368 -3.41 44.48 32.39
CA LEU B 368 -2.72 44.53 33.68
C LEU B 368 -3.70 45.03 34.77
N GLN B 369 -4.78 45.74 34.36
CA GLN B 369 -5.83 46.28 35.22
C GLN B 369 -7.21 46.11 34.54
N PRO B 370 -8.30 45.81 35.28
CA PRO B 370 -9.61 45.64 34.62
C PRO B 370 -10.28 46.93 34.13
N SER B 371 -10.06 48.05 34.85
CA SER B 371 -10.67 49.36 34.60
C SER B 371 -9.73 50.52 34.98
N ARG B 372 -10.08 51.76 34.56
CA ARG B 372 -9.32 52.98 34.86
C ARG B 372 -9.38 53.32 36.35
N GLY B 373 -10.54 53.09 36.96
CA GLY B 373 -10.79 53.30 38.38
C GLY B 373 -9.88 52.41 39.21
N GLN B 374 -9.68 51.15 38.76
CA GLN B 374 -8.77 50.20 39.40
C GLN B 374 -7.33 50.63 39.13
N ALA B 375 -7.02 50.98 37.87
CA ALA B 375 -5.71 51.48 37.42
C ALA B 375 -5.21 52.65 38.29
N ARG B 376 -6.11 53.66 38.59
CA ARG B 376 -5.84 54.85 39.42
C ARG B 376 -5.30 54.48 40.81
N LYS B 377 -5.97 53.53 41.50
CA LYS B 377 -5.62 53.03 42.84
C LYS B 377 -4.25 52.31 42.83
N THR B 378 -4.03 51.40 41.88
CA THR B 378 -2.77 50.64 41.78
C THR B 378 -1.58 51.56 41.48
N ILE B 379 -1.81 52.62 40.65
CA ILE B 379 -0.76 53.60 40.36
C ILE B 379 -0.40 54.35 41.66
N ALA B 380 -1.41 54.88 42.37
CA ALA B 380 -1.28 55.61 43.62
C ALA B 380 -0.60 54.81 44.75
N SER B 381 -0.77 53.46 44.74
CA SER B 381 -0.19 52.54 45.72
C SER B 381 1.30 52.25 45.46
N ASN B 382 1.85 52.78 44.34
CA ASN B 382 3.25 52.63 43.91
C ASN B 382 3.57 51.16 43.54
N ALA B 383 2.65 50.53 42.79
CA ALA B 383 2.78 49.13 42.34
C ALA B 383 3.24 49.04 40.87
N ILE B 384 3.23 50.18 40.16
CA ILE B 384 3.62 50.22 38.74
C ILE B 384 5.00 50.82 38.50
N THR B 385 5.75 50.18 37.58
CA THR B 385 7.01 50.62 37.03
C THR B 385 6.83 50.83 35.51
N ILE B 386 7.61 51.78 34.96
CA ILE B 386 7.69 52.13 33.54
C ILE B 386 9.17 52.00 33.25
N ASN B 387 9.57 50.99 32.43
CA ASN B 387 10.98 50.73 32.11
C ASN B 387 11.81 50.58 33.39
N GLY B 388 11.17 49.99 34.41
CA GLY B 388 11.77 49.72 35.71
C GLY B 388 11.73 50.89 36.68
N GLU B 389 11.32 52.07 36.21
CA GLU B 389 11.25 53.25 37.08
C GLU B 389 9.83 53.41 37.64
N LYS B 390 9.73 53.54 38.98
CA LYS B 390 8.46 53.73 39.69
C LYS B 390 7.73 54.99 39.24
N GLN B 391 6.42 54.86 39.01
CA GLN B 391 5.56 55.97 38.60
C GLN B 391 4.27 55.93 39.42
N SER B 392 4.09 56.87 40.37
CA SER B 392 2.93 56.84 41.27
C SER B 392 1.82 57.86 40.97
N ASP B 393 1.98 58.67 39.91
CA ASP B 393 0.98 59.67 39.52
C ASP B 393 -0.12 58.99 38.64
N PRO B 394 -1.37 58.89 39.12
CA PRO B 394 -2.44 58.26 38.30
C PRO B 394 -2.66 58.98 36.98
N GLU B 395 -2.53 60.31 36.97
CA GLU B 395 -2.75 61.20 35.82
C GLU B 395 -1.60 61.26 34.86
N TYR B 396 -0.55 60.43 35.06
CA TYR B 396 0.66 60.42 34.22
C TYR B 396 0.50 59.97 32.75
N PHE B 397 1.15 60.75 31.86
CA PHE B 397 1.33 60.43 30.43
C PHE B 397 2.83 60.16 30.27
N PHE B 398 3.17 59.15 29.44
CA PHE B 398 4.55 58.78 29.12
C PHE B 398 5.29 59.93 28.45
N LYS B 399 6.57 60.07 28.77
CA LYS B 399 7.41 61.07 28.11
C LYS B 399 7.89 60.42 26.80
N GLU B 400 8.27 61.23 25.80
CA GLU B 400 8.75 60.71 24.51
C GLU B 400 10.01 59.84 24.66
N GLU B 401 10.83 60.10 25.71
CA GLU B 401 12.05 59.33 26.02
C GLU B 401 11.75 57.94 26.62
N GLU B 402 10.53 57.73 27.18
CA GLU B 402 10.12 56.45 27.77
C GLU B 402 9.73 55.42 26.69
N ARG B 403 9.45 55.91 25.48
CA ARG B 403 9.16 55.07 24.31
C ARG B 403 10.57 54.76 23.72
N LEU B 404 11.15 53.63 24.15
CA LEU B 404 12.49 53.20 23.74
C LEU B 404 12.54 52.80 22.26
N PHE B 405 13.54 53.36 21.53
CA PHE B 405 13.74 53.26 20.07
C PHE B 405 12.51 53.79 19.33
N GLY B 406 11.82 54.73 20.00
CA GLY B 406 10.58 55.35 19.56
C GLY B 406 9.37 54.46 19.53
N ARG B 407 9.46 53.18 19.98
CA ARG B 407 8.30 52.28 19.91
C ARG B 407 8.18 51.23 21.00
N PHE B 408 8.91 51.33 22.13
CA PHE B 408 8.80 50.31 23.17
C PHE B 408 8.78 50.84 24.58
N THR B 409 7.78 50.41 25.37
CA THR B 409 7.71 50.78 26.79
C THR B 409 7.33 49.53 27.52
N LEU B 410 8.03 49.21 28.60
CA LEU B 410 7.65 48.00 29.31
C LEU B 410 6.95 48.30 30.61
N LEU B 411 5.67 47.93 30.67
CA LEU B 411 4.88 48.05 31.90
C LEU B 411 4.98 46.81 32.73
N ARG B 412 5.06 46.98 34.04
CA ARG B 412 5.07 45.89 35.01
C ARG B 412 4.18 46.22 36.23
N ARG B 413 3.24 45.30 36.52
CA ARG B 413 2.33 45.43 37.65
C ARG B 413 2.88 44.46 38.69
N GLY B 414 3.32 45.01 39.81
CA GLY B 414 3.94 44.24 40.89
C GLY B 414 5.34 43.82 40.52
N LYS B 415 5.71 42.58 40.87
CA LYS B 415 7.04 42.05 40.62
C LYS B 415 7.19 41.23 39.33
N LYS B 416 6.10 40.63 38.81
CA LYS B 416 6.27 39.72 37.66
C LYS B 416 5.27 39.84 36.49
N ASN B 417 4.21 40.66 36.62
CA ASN B 417 3.21 40.82 35.56
C ASN B 417 3.67 41.88 34.56
N TYR B 418 4.14 41.44 33.38
CA TYR B 418 4.66 42.28 32.32
C TYR B 418 3.73 42.38 31.14
N CYS B 419 3.86 43.53 30.46
CA CYS B 419 3.28 43.75 29.16
C CYS B 419 4.08 44.80 28.44
N LEU B 420 4.59 44.42 27.27
CA LEU B 420 5.36 45.33 26.44
C LEU B 420 4.44 46.15 25.58
N ILE B 421 4.56 47.48 25.70
CA ILE B 421 3.79 48.34 24.82
C ILE B 421 4.64 48.56 23.58
N CYS B 422 4.08 48.18 22.42
CA CYS B 422 4.62 48.41 21.10
C CYS B 422 3.81 49.54 20.45
N TRP B 423 4.30 50.76 20.64
CA TRP B 423 3.71 51.99 20.13
C TRP B 423 3.59 52.01 18.60
N LYS B 424 2.40 52.42 18.10
CA LYS B 424 2.10 52.50 16.66
C LYS B 424 2.28 53.92 16.10
#